data_2QVE
#
_entry.id   2QVE
#
_cell.length_a   92.435
_cell.length_b   145.863
_cell.length_c   75.048
_cell.angle_alpha   90.000
_cell.angle_beta   90.000
_cell.angle_gamma   90.000
#
_symmetry.space_group_name_H-M   'P 21 21 2'
#
loop_
_entity.id
_entity.type
_entity.pdbx_description
1 polymer 'Tyrosine Aminomutase'
2 non-polymer '(3R)-3-amino-2,2-difluoro-3-(4-hydroxyphenyl)propanoic acid'
3 water water
#
_entity_poly.entity_id   1
_entity_poly.type   'polypeptide(L)'
_entity_poly.pdbx_seq_one_letter_code
;PVSVDGETLTVEAVRRVAEERATVDVPAESIAKAQKSREIFEGIAEQNIPIYGVTTGYGEMIYMQVDKSKEVELQTNLVR
SHSAGVGPLFAEDEARAIVAARLNTLAKGHSAVRPIILERLAQYLNEGITPAIPEIGSLG(MDO)DLAPLSHVASTLIGE
GYVLRDGRPVETAQVLAERGIEPLELRFKEGLALINGTSGMTGLGSLVVGRALEQAQQAEIVTALLIEAVRGSTSPFLAE
GHDIARPHEGQIDTAANMRALMRGSGLTVEHADLRRELQKDKEAGKDVQRSEIYLQKAYSLRAIPQVVGAVRDTLYHARH
KLRIELNSANDNPLFFEGKEIFHGANFHGQPIAFAMDFVTIALTQLGVLAERQINRVLNRHLSYGLPEFLVSGDPGLHSG
FAGAQYPATALVAENRTIGPASTQSVPSNGDNQDVVSMGLISARNARRVLSNNNKILAVEYLAAAQAVDISGRFDGLSPA
AKATYEAVRRLVPTLGVDRYMADDIELVADALSRGEFLRAIARETDIQLR
;
_entity_poly.pdbx_strand_id   A,B
#
# COMPACT_ATOMS: atom_id res chain seq x y z
N PRO A 1 -19.19 27.23 2.63
CA PRO A 1 -20.04 26.13 2.12
C PRO A 1 -19.19 25.15 1.32
N VAL A 2 -19.59 23.88 1.34
CA VAL A 2 -18.87 22.85 0.60
C VAL A 2 -19.68 22.46 -0.62
N SER A 3 -19.08 22.59 -1.80
CA SER A 3 -19.75 22.25 -3.04
C SER A 3 -19.64 20.76 -3.35
N VAL A 4 -20.75 20.04 -3.23
CA VAL A 4 -20.80 18.62 -3.52
C VAL A 4 -21.27 18.51 -4.97
N ASP A 5 -20.28 18.55 -5.87
CA ASP A 5 -20.54 18.50 -7.31
C ASP A 5 -20.08 17.24 -8.03
N GLY A 6 -19.74 16.20 -7.29
CA GLY A 6 -19.29 14.96 -7.90
C GLY A 6 -18.05 15.08 -8.77
N GLU A 7 -17.37 16.23 -8.70
CA GLU A 7 -16.17 16.48 -9.50
C GLU A 7 -14.97 17.00 -8.72
N THR A 8 -15.20 17.96 -7.83
CA THR A 8 -14.10 18.57 -7.10
C THR A 8 -14.04 18.36 -5.59
N LEU A 9 -14.85 17.44 -5.06
CA LEU A 9 -14.84 17.21 -3.62
C LEU A 9 -13.49 16.66 -3.15
N THR A 10 -12.99 17.21 -2.05
CA THR A 10 -11.72 16.78 -1.49
C THR A 10 -11.88 16.11 -0.12
N VAL A 11 -10.87 15.37 0.29
CA VAL A 11 -10.88 14.68 1.57
C VAL A 11 -11.07 15.72 2.69
N GLU A 12 -10.38 16.85 2.60
CA GLU A 12 -10.52 17.86 3.63
C GLU A 12 -11.94 18.44 3.64
N ALA A 13 -12.54 18.55 2.46
CA ALA A 13 -13.90 19.07 2.34
C ALA A 13 -14.88 18.15 3.07
N VAL A 14 -14.69 16.85 2.90
CA VAL A 14 -15.52 15.84 3.55
C VAL A 14 -15.43 15.97 5.05
N ARG A 15 -14.22 16.19 5.55
CA ARG A 15 -14.02 16.34 6.99
C ARG A 15 -14.71 17.59 7.53
N ARG A 16 -14.69 18.67 6.76
CA ARG A 16 -15.34 19.91 7.18
C ARG A 16 -16.84 19.67 7.35
N VAL A 17 -17.44 19.02 6.36
CA VAL A 17 -18.87 18.71 6.40
C VAL A 17 -19.15 17.75 7.55
N ALA A 18 -18.32 16.72 7.68
CA ALA A 18 -18.51 15.71 8.72
C ALA A 18 -18.16 16.15 10.15
N GLU A 19 -16.98 16.73 10.32
CA GLU A 19 -16.51 17.14 11.65
C GLU A 19 -16.95 18.53 12.11
N GLU A 20 -16.92 19.50 11.21
CA GLU A 20 -17.28 20.87 11.57
C GLU A 20 -18.64 21.30 11.08
N ARG A 21 -19.49 20.32 10.79
CA ARG A 21 -20.84 20.59 10.33
C ARG A 21 -20.89 21.72 9.30
N ALA A 22 -20.00 21.66 8.32
CA ALA A 22 -19.98 22.69 7.27
C ALA A 22 -21.17 22.49 6.35
N THR A 23 -21.82 23.59 6.00
CA THR A 23 -22.98 23.56 5.11
C THR A 23 -22.62 22.96 3.76
N VAL A 24 -23.53 22.20 3.20
CA VAL A 24 -23.33 21.58 1.90
C VAL A 24 -24.24 22.19 0.84
N ASP A 25 -23.76 22.25 -0.39
CA ASP A 25 -24.55 22.78 -1.48
C ASP A 25 -24.32 22.04 -2.79
N VAL A 26 -25.39 21.51 -3.36
CA VAL A 26 -25.31 20.83 -4.64
C VAL A 26 -25.51 21.94 -5.66
N PRO A 27 -24.48 22.23 -6.46
CA PRO A 27 -24.57 23.29 -7.48
C PRO A 27 -25.69 23.08 -8.49
N ALA A 28 -26.25 24.18 -8.98
CA ALA A 28 -27.34 24.14 -9.95
C ALA A 28 -27.01 23.26 -11.14
N GLU A 29 -25.75 23.32 -11.57
CA GLU A 29 -25.26 22.53 -12.70
C GLU A 29 -25.40 21.03 -12.45
N SER A 30 -25.10 20.60 -11.23
CA SER A 30 -25.20 19.18 -10.88
C SER A 30 -26.67 18.77 -10.85
N ILE A 31 -27.52 19.62 -10.29
CA ILE A 31 -28.95 19.34 -10.25
C ILE A 31 -29.47 19.20 -11.68
N ALA A 32 -29.06 20.13 -12.54
CA ALA A 32 -29.46 20.13 -13.94
C ALA A 32 -29.02 18.84 -14.63
N LYS A 33 -27.74 18.51 -14.50
CA LYS A 33 -27.21 17.30 -15.13
C LYS A 33 -27.92 16.07 -14.56
N ALA A 34 -28.38 16.16 -13.32
CA ALA A 34 -29.08 15.05 -12.68
C ALA A 34 -30.50 14.93 -13.21
N GLN A 35 -31.21 16.04 -13.29
CA GLN A 35 -32.59 16.05 -13.78
C GLN A 35 -32.67 15.58 -15.23
N LYS A 36 -31.65 15.92 -16.02
CA LYS A 36 -31.62 15.53 -17.43
C LYS A 36 -31.29 14.06 -17.62
N SER A 37 -30.39 13.52 -16.80
CA SER A 37 -30.05 12.10 -16.89
C SER A 37 -31.23 11.29 -16.40
N ARG A 38 -31.99 11.87 -15.48
CA ARG A 38 -33.18 11.22 -14.93
C ARG A 38 -34.27 11.20 -16.00
N GLU A 39 -34.48 12.34 -16.64
CA GLU A 39 -35.48 12.47 -17.70
C GLU A 39 -35.34 11.36 -18.73
N ILE A 40 -34.17 11.32 -19.35
CA ILE A 40 -33.90 10.32 -20.37
C ILE A 40 -34.10 8.92 -19.85
N PHE A 41 -33.50 8.63 -18.70
CA PHE A 41 -33.62 7.30 -18.10
C PHE A 41 -35.07 6.86 -17.92
N GLU A 42 -35.91 7.75 -17.42
CA GLU A 42 -37.32 7.44 -17.21
C GLU A 42 -38.01 6.99 -18.49
N GLY A 43 -37.66 7.64 -19.60
CA GLY A 43 -38.23 7.29 -20.88
C GLY A 43 -37.83 5.89 -21.29
N ILE A 44 -36.68 5.45 -20.78
CA ILE A 44 -36.17 4.13 -21.07
C ILE A 44 -36.88 3.07 -20.23
N ALA A 45 -36.98 3.33 -18.93
CA ALA A 45 -37.64 2.42 -18.00
C ALA A 45 -39.13 2.29 -18.31
N GLU A 46 -39.69 3.31 -18.96
CA GLU A 46 -41.10 3.32 -19.31
C GLU A 46 -41.42 2.29 -20.40
N GLN A 47 -40.40 1.90 -21.16
CA GLN A 47 -40.57 0.91 -22.22
C GLN A 47 -40.41 -0.49 -21.64
N ASN A 48 -40.35 -0.57 -20.33
CA ASN A 48 -40.19 -1.85 -19.64
C ASN A 48 -39.04 -2.70 -20.17
N ILE A 49 -37.96 -2.07 -20.64
CA ILE A 49 -36.85 -2.85 -21.14
C ILE A 49 -35.97 -3.26 -19.96
N PRO A 50 -35.30 -4.42 -20.08
CA PRO A 50 -34.43 -4.94 -19.03
C PRO A 50 -33.31 -4.01 -18.57
N ILE A 51 -33.36 -3.64 -17.30
CA ILE A 51 -32.35 -2.78 -16.68
C ILE A 51 -32.11 -3.36 -15.28
N TYR A 52 -30.88 -3.68 -14.91
CA TYR A 52 -30.56 -4.19 -13.57
C TYR A 52 -31.07 -3.31 -12.42
N GLY A 53 -31.65 -3.95 -11.48
CA GLY A 53 -32.13 -3.27 -10.29
C GLY A 53 -33.31 -2.35 -10.49
N VAL A 54 -33.69 -2.13 -11.75
CA VAL A 54 -34.83 -1.27 -12.06
C VAL A 54 -35.99 -2.13 -12.53
N THR A 55 -35.71 -3.05 -13.44
CA THR A 55 -36.73 -3.94 -13.96
C THR A 55 -36.28 -5.41 -13.86
N THR A 56 -35.48 -5.70 -12.85
CA THR A 56 -35.00 -7.07 -12.61
C THR A 56 -34.73 -7.25 -11.11
N GLY A 57 -34.57 -8.50 -10.69
CA GLY A 57 -34.27 -8.78 -9.31
C GLY A 57 -32.82 -8.39 -9.07
N TYR A 58 -32.39 -8.37 -7.81
CA TYR A 58 -31.03 -7.98 -7.47
C TYR A 58 -30.03 -9.12 -7.26
N GLY A 59 -28.77 -8.84 -7.54
CA GLY A 59 -27.73 -9.84 -7.39
C GLY A 59 -27.97 -11.07 -8.24
N GLU A 60 -27.93 -12.24 -7.61
CA GLU A 60 -28.15 -13.50 -8.30
C GLU A 60 -29.56 -13.57 -8.87
N MET A 61 -30.52 -12.94 -8.20
CA MET A 61 -31.90 -12.95 -8.65
C MET A 61 -32.15 -11.98 -9.80
N ILE A 62 -31.11 -11.71 -10.57
CA ILE A 62 -31.20 -10.81 -11.70
C ILE A 62 -31.92 -11.53 -12.85
N TYR A 63 -32.04 -12.86 -12.75
CA TYR A 63 -32.72 -13.64 -13.78
C TYR A 63 -34.23 -13.39 -13.71
N MET A 64 -34.66 -12.77 -12.62
CA MET A 64 -36.06 -12.46 -12.42
C MET A 64 -36.40 -11.11 -13.07
N GLN A 65 -37.28 -11.13 -14.05
CA GLN A 65 -37.69 -9.91 -14.75
C GLN A 65 -38.90 -9.29 -14.04
N VAL A 66 -38.79 -8.02 -13.67
CA VAL A 66 -39.87 -7.34 -12.96
C VAL A 66 -40.49 -6.22 -13.79
N ASP A 67 -41.82 -6.17 -13.80
CA ASP A 67 -42.56 -5.18 -14.56
C ASP A 67 -42.53 -3.81 -13.90
N LYS A 68 -42.42 -2.77 -14.73
CA LYS A 68 -42.35 -1.40 -14.27
C LYS A 68 -43.48 -1.03 -13.30
N SER A 69 -44.58 -1.77 -13.36
CA SER A 69 -45.72 -1.51 -12.49
C SER A 69 -45.37 -1.71 -11.02
N LYS A 70 -44.19 -2.30 -10.76
CA LYS A 70 -43.75 -2.56 -9.40
C LYS A 70 -42.76 -1.50 -8.90
N GLU A 71 -42.26 -0.70 -9.83
CA GLU A 71 -41.29 0.35 -9.54
C GLU A 71 -40.99 0.68 -8.07
N VAL A 72 -41.98 1.21 -7.35
CA VAL A 72 -41.80 1.59 -5.96
C VAL A 72 -41.55 0.44 -4.99
N GLU A 73 -42.24 -0.68 -5.20
CA GLU A 73 -42.08 -1.83 -4.33
C GLU A 73 -40.69 -2.42 -4.47
N LEU A 74 -40.27 -2.69 -5.71
CA LEU A 74 -38.96 -3.27 -5.95
C LEU A 74 -37.89 -2.50 -5.17
N GLN A 75 -37.88 -1.18 -5.33
CA GLN A 75 -36.91 -0.33 -4.67
C GLN A 75 -37.01 -0.35 -3.14
N THR A 76 -38.23 -0.40 -2.62
CA THR A 76 -38.43 -0.41 -1.17
C THR A 76 -38.07 -1.76 -0.55
N ASN A 77 -38.50 -2.85 -1.17
CA ASN A 77 -38.20 -4.18 -0.66
C ASN A 77 -36.68 -4.33 -0.56
N LEU A 78 -35.97 -3.77 -1.54
CA LEU A 78 -34.51 -3.82 -1.58
C LEU A 78 -33.89 -3.17 -0.36
N VAL A 79 -34.24 -1.92 -0.13
CA VAL A 79 -33.72 -1.14 1.00
C VAL A 79 -34.02 -1.81 2.34
N ARG A 80 -35.23 -2.35 2.48
CA ARG A 80 -35.60 -3.01 3.72
C ARG A 80 -34.89 -4.35 3.91
N SER A 81 -34.97 -5.22 2.92
CA SER A 81 -34.35 -6.53 3.02
C SER A 81 -32.83 -6.47 3.21
N HIS A 82 -32.23 -5.36 2.78
CA HIS A 82 -30.78 -5.24 2.92
C HIS A 82 -30.30 -4.43 4.12
N SER A 83 -31.23 -3.88 4.87
CA SER A 83 -30.84 -3.13 6.07
C SER A 83 -30.66 -4.24 7.10
N ALA A 84 -29.54 -4.94 6.99
CA ALA A 84 -29.22 -6.05 7.87
C ALA A 84 -27.93 -5.81 8.63
N GLY A 85 -27.60 -4.54 8.83
CA GLY A 85 -26.38 -4.21 9.54
C GLY A 85 -26.37 -4.62 11.00
N VAL A 86 -25.20 -4.95 11.53
CA VAL A 86 -25.07 -5.34 12.92
C VAL A 86 -23.85 -4.64 13.53
N GLY A 87 -23.61 -4.86 14.82
CA GLY A 87 -22.47 -4.25 15.48
C GLY A 87 -22.77 -2.85 15.99
N PRO A 88 -21.74 -2.10 16.39
CA PRO A 88 -21.90 -0.73 16.90
C PRO A 88 -22.35 0.23 15.80
N LEU A 89 -22.89 1.37 16.20
CA LEU A 89 -23.32 2.39 15.25
C LEU A 89 -22.15 3.32 14.97
N PHE A 90 -22.07 3.85 13.75
CA PHE A 90 -21.01 4.79 13.44
C PHE A 90 -21.29 6.08 14.21
N ALA A 91 -20.24 6.82 14.57
CA ALA A 91 -20.42 8.07 15.29
C ALA A 91 -21.06 9.08 14.34
N GLU A 92 -21.52 10.20 14.87
CA GLU A 92 -22.16 11.22 14.06
C GLU A 92 -21.31 11.67 12.88
N ASP A 93 -20.06 12.04 13.12
CA ASP A 93 -19.21 12.50 12.04
C ASP A 93 -18.97 11.42 10.97
N GLU A 94 -18.79 10.17 11.39
CA GLU A 94 -18.56 9.09 10.44
C GLU A 94 -19.79 8.91 9.56
N ALA A 95 -20.97 8.95 10.17
CA ALA A 95 -22.22 8.83 9.44
C ALA A 95 -22.39 9.98 8.46
N ARG A 96 -21.97 11.18 8.84
CA ARG A 96 -22.09 12.35 7.95
C ARG A 96 -21.13 12.23 6.76
N ALA A 97 -19.94 11.72 6.99
CA ALA A 97 -18.96 11.56 5.92
C ALA A 97 -19.49 10.58 4.87
N ILE A 98 -20.10 9.50 5.34
CA ILE A 98 -20.66 8.48 4.46
C ILE A 98 -21.79 9.08 3.60
N VAL A 99 -22.71 9.79 4.26
CA VAL A 99 -23.81 10.42 3.55
C VAL A 99 -23.27 11.43 2.55
N ALA A 100 -22.22 12.16 2.93
CA ALA A 100 -21.66 13.17 2.02
C ALA A 100 -21.05 12.50 0.79
N ALA A 101 -20.45 11.34 0.99
CA ALA A 101 -19.83 10.60 -0.11
C ALA A 101 -20.87 10.06 -1.08
N ARG A 102 -22.02 9.64 -0.56
CA ARG A 102 -23.08 9.12 -1.43
C ARG A 102 -23.71 10.25 -2.24
N LEU A 103 -23.86 11.40 -1.61
CA LEU A 103 -24.42 12.58 -2.27
C LEU A 103 -23.51 13.04 -3.40
N ASN A 104 -22.21 13.10 -3.13
CA ASN A 104 -21.25 13.54 -4.14
C ASN A 104 -21.30 12.60 -5.33
N THR A 105 -21.42 11.31 -5.04
CA THR A 105 -21.48 10.27 -6.05
C THR A 105 -22.69 10.48 -6.98
N LEU A 106 -23.86 10.67 -6.39
CA LEU A 106 -25.08 10.88 -7.17
C LEU A 106 -25.04 12.22 -7.90
N ALA A 107 -24.37 13.19 -7.28
CA ALA A 107 -24.25 14.53 -7.85
C ALA A 107 -23.44 14.55 -9.13
N LYS A 108 -22.77 13.43 -9.46
CA LYS A 108 -21.98 13.37 -10.67
C LYS A 108 -22.88 13.30 -11.91
N GLY A 109 -24.11 12.85 -11.72
CA GLY A 109 -25.05 12.82 -12.84
C GLY A 109 -25.24 11.57 -13.68
N HIS A 110 -24.55 10.48 -13.35
CA HIS A 110 -24.71 9.25 -14.13
C HIS A 110 -25.53 8.18 -13.41
N SER A 111 -26.12 8.53 -12.27
CA SER A 111 -26.91 7.55 -11.51
C SER A 111 -28.37 7.48 -11.90
N ALA A 112 -28.83 8.47 -12.68
CA ALA A 112 -30.21 8.51 -13.15
C ALA A 112 -31.24 8.60 -12.02
N VAL A 113 -30.91 9.35 -10.99
CA VAL A 113 -31.80 9.54 -9.84
C VAL A 113 -32.48 10.91 -9.94
N ARG A 114 -33.68 11.05 -9.36
CA ARG A 114 -34.39 12.32 -9.39
C ARG A 114 -33.63 13.30 -8.50
N PRO A 115 -33.66 14.61 -8.84
CA PRO A 115 -32.97 15.64 -8.05
C PRO A 115 -33.34 15.68 -6.56
N ILE A 116 -34.60 15.42 -6.21
CA ILE A 116 -34.99 15.46 -4.80
C ILE A 116 -34.17 14.51 -3.91
N ILE A 117 -33.64 13.44 -4.49
CA ILE A 117 -32.82 12.52 -3.71
C ILE A 117 -31.59 13.27 -3.24
N LEU A 118 -30.94 13.97 -4.17
CA LEU A 118 -29.77 14.77 -3.86
C LEU A 118 -30.16 15.85 -2.86
N GLU A 119 -31.26 16.53 -3.17
CA GLU A 119 -31.76 17.60 -2.31
C GLU A 119 -32.07 17.10 -0.91
N ARG A 120 -32.71 15.93 -0.81
CA ARG A 120 -33.06 15.38 0.50
C ARG A 120 -31.82 14.96 1.30
N LEU A 121 -30.81 14.44 0.61
CA LEU A 121 -29.56 14.04 1.26
C LEU A 121 -28.85 15.30 1.78
N ALA A 122 -28.81 16.33 0.95
CA ALA A 122 -28.18 17.58 1.34
C ALA A 122 -28.96 18.20 2.49
N GLN A 123 -30.27 17.96 2.52
CA GLN A 123 -31.10 18.51 3.57
C GLN A 123 -30.78 17.84 4.91
N TYR A 124 -30.67 16.52 4.90
CA TYR A 124 -30.34 15.76 6.12
C TYR A 124 -29.01 16.26 6.69
N LEU A 125 -28.02 16.48 5.82
CA LEU A 125 -26.70 16.96 6.25
C LEU A 125 -26.77 18.36 6.84
N ASN A 126 -27.46 19.26 6.15
CA ASN A 126 -27.60 20.64 6.59
C ASN A 126 -28.51 20.82 7.80
N GLU A 127 -29.50 19.96 7.96
CA GLU A 127 -30.41 20.06 9.10
C GLU A 127 -30.00 19.20 10.30
N GLY A 128 -28.85 18.54 10.20
CA GLY A 128 -28.39 17.73 11.31
C GLY A 128 -29.14 16.44 11.55
N ILE A 129 -29.66 15.84 10.48
CA ILE A 129 -30.37 14.58 10.59
C ILE A 129 -29.37 13.50 10.21
N THR A 130 -28.87 12.78 11.22
CA THR A 130 -27.86 11.75 11.03
C THR A 130 -28.38 10.32 11.12
N PRO A 131 -28.25 9.54 10.04
CA PRO A 131 -28.72 8.15 10.07
C PRO A 131 -27.96 7.31 11.08
N ALA A 132 -28.64 6.32 11.67
CA ALA A 132 -28.02 5.41 12.62
C ALA A 132 -27.50 4.29 11.70
N ILE A 133 -26.18 4.20 11.56
CA ILE A 133 -25.58 3.20 10.67
C ILE A 133 -24.73 2.17 11.40
N PRO A 134 -25.18 0.92 11.43
CA PRO A 134 -24.37 -0.09 12.12
C PRO A 134 -23.10 -0.31 11.29
N GLU A 135 -21.97 -0.50 11.97
CA GLU A 135 -20.68 -0.66 11.30
C GLU A 135 -20.39 -1.94 10.51
N ILE A 136 -21.04 -3.03 10.88
CA ILE A 136 -20.79 -4.32 10.23
C ILE A 136 -21.88 -4.77 9.27
N GLY A 137 -21.48 -5.41 8.18
CA GLY A 137 -22.45 -5.89 7.21
C GLY A 137 -21.95 -5.75 5.79
N SER A 138 -21.19 -4.70 5.53
CA SER A 138 -20.64 -4.41 4.22
C SER A 138 -19.59 -5.44 3.76
N LEU A 139 -19.69 -5.86 2.51
CA LEU A 139 -18.72 -6.78 1.93
C LEU A 139 -17.82 -5.97 0.99
N GLY A 140 -18.08 -4.66 0.92
CA GLY A 140 -17.28 -3.78 0.09
C GLY A 140 -17.39 -4.03 -1.40
N ASP A 142 -20.75 -1.50 -0.17
CA ASP A 142 -21.26 -1.17 1.18
C ASP A 142 -22.80 -1.23 1.29
N LEU A 143 -23.40 -2.33 0.84
CA LEU A 143 -24.85 -2.51 0.84
C LEU A 143 -25.63 -2.26 2.12
N ALA A 144 -25.34 -3.04 3.15
CA ALA A 144 -26.03 -2.92 4.43
C ALA A 144 -26.01 -1.52 5.03
N PRO A 145 -24.81 -0.94 5.21
CA PRO A 145 -24.69 0.40 5.79
C PRO A 145 -25.44 1.47 5.02
N LEU A 146 -25.32 1.43 3.69
CA LEU A 146 -25.98 2.40 2.84
C LEU A 146 -27.49 2.14 2.81
N SER A 147 -27.89 0.90 3.09
CA SER A 147 -29.32 0.57 3.14
C SER A 147 -29.93 1.25 4.38
N HIS A 148 -29.18 1.29 5.48
CA HIS A 148 -29.70 1.94 6.67
C HIS A 148 -29.84 3.44 6.43
N VAL A 149 -28.97 3.99 5.60
CA VAL A 149 -29.02 5.39 5.25
C VAL A 149 -30.27 5.61 4.38
N ALA A 150 -30.40 4.80 3.34
CA ALA A 150 -31.52 4.88 2.41
C ALA A 150 -32.85 4.74 3.14
N SER A 151 -32.88 3.90 4.17
CA SER A 151 -34.09 3.72 4.97
C SER A 151 -34.59 5.04 5.54
N THR A 152 -33.68 5.84 6.12
CA THR A 152 -34.07 7.11 6.72
C THR A 152 -34.69 8.10 5.72
N LEU A 153 -34.30 8.01 4.45
CA LEU A 153 -34.88 8.90 3.45
C LEU A 153 -36.34 8.54 3.23
N ILE A 154 -36.70 7.28 3.43
CA ILE A 154 -38.09 6.86 3.24
C ILE A 154 -38.85 6.74 4.57
N GLY A 155 -38.38 7.46 5.57
CA GLY A 155 -39.03 7.45 6.87
C GLY A 155 -38.95 6.14 7.64
N GLU A 156 -37.96 5.31 7.32
CA GLU A 156 -37.80 4.03 8.00
C GLU A 156 -36.42 3.93 8.63
N GLY A 157 -36.13 2.79 9.26
CA GLY A 157 -34.84 2.64 9.91
C GLY A 157 -34.75 3.58 11.11
N TYR A 158 -33.53 3.99 11.46
CA TYR A 158 -33.35 4.89 12.59
C TYR A 158 -32.36 6.01 12.30
N VAL A 159 -32.42 7.04 13.14
CA VAL A 159 -31.56 8.19 13.04
C VAL A 159 -30.86 8.36 14.39
N LEU A 160 -29.67 8.94 14.38
CA LEU A 160 -28.91 9.15 15.62
C LEU A 160 -29.34 10.40 16.36
N ARG A 161 -29.49 10.27 17.67
CA ARG A 161 -29.87 11.39 18.50
C ARG A 161 -29.23 11.19 19.87
N ASP A 162 -28.21 11.98 20.15
CA ASP A 162 -27.49 11.88 21.42
C ASP A 162 -26.92 10.49 21.63
N GLY A 163 -26.33 9.93 20.57
CA GLY A 163 -25.73 8.62 20.65
C GLY A 163 -26.65 7.41 20.54
N ARG A 164 -27.95 7.64 20.54
CA ARG A 164 -28.89 6.53 20.46
C ARG A 164 -29.74 6.58 19.20
N PRO A 165 -30.21 5.41 18.74
CA PRO A 165 -31.04 5.34 17.54
C PRO A 165 -32.51 5.66 17.89
N VAL A 166 -33.16 6.42 17.02
CA VAL A 166 -34.56 6.79 17.22
C VAL A 166 -35.28 6.59 15.89
N GLU A 167 -36.49 6.03 15.92
CA GLU A 167 -37.24 5.79 14.69
C GLU A 167 -37.28 7.03 13.80
N THR A 168 -36.91 6.83 12.54
CA THR A 168 -36.87 7.92 11.57
C THR A 168 -38.24 8.57 11.40
N ALA A 169 -39.30 7.76 11.35
CA ALA A 169 -40.67 8.25 11.19
C ALA A 169 -40.99 9.35 12.19
N GLN A 170 -40.61 9.13 13.44
CA GLN A 170 -40.87 10.10 14.50
C GLN A 170 -40.12 11.39 14.26
N VAL A 171 -38.80 11.29 14.17
CA VAL A 171 -37.93 12.44 13.95
C VAL A 171 -38.36 13.26 12.74
N LEU A 172 -38.78 12.57 11.68
CA LEU A 172 -39.21 13.26 10.47
C LEU A 172 -40.52 14.00 10.70
N ALA A 173 -41.47 13.32 11.35
CA ALA A 173 -42.76 13.93 11.65
C ALA A 173 -42.52 15.18 12.49
N GLU A 174 -41.54 15.11 13.39
CA GLU A 174 -41.20 16.23 14.26
C GLU A 174 -40.34 17.27 13.54
N ARG A 175 -40.11 17.05 12.25
CA ARG A 175 -39.31 17.96 11.44
C ARG A 175 -40.20 18.60 10.38
N GLY A 176 -41.39 18.04 10.20
CA GLY A 176 -42.28 18.57 9.19
C GLY A 176 -41.82 18.08 7.84
N ILE A 177 -40.93 17.11 7.84
CA ILE A 177 -40.41 16.54 6.61
C ILE A 177 -41.19 15.29 6.25
N GLU A 178 -41.71 15.27 5.04
CA GLU A 178 -42.47 14.13 4.56
C GLU A 178 -41.49 13.17 3.90
N PRO A 179 -41.43 11.92 4.38
CA PRO A 179 -40.51 10.95 3.80
C PRO A 179 -40.69 10.84 2.28
N LEU A 180 -39.68 10.31 1.61
CA LEU A 180 -39.73 10.16 0.16
C LEU A 180 -40.22 8.77 -0.24
N GLU A 181 -40.60 8.66 -1.50
CA GLU A 181 -41.08 7.42 -2.08
C GLU A 181 -40.10 7.09 -3.20
N LEU A 182 -39.33 6.01 -3.02
CA LEU A 182 -38.35 5.62 -4.02
C LEU A 182 -38.95 5.23 -5.36
N ARG A 183 -38.34 5.70 -6.44
CA ARG A 183 -38.79 5.37 -7.78
C ARG A 183 -37.67 4.65 -8.53
N PHE A 184 -37.96 4.28 -9.77
CA PHE A 184 -37.00 3.57 -10.61
C PHE A 184 -35.53 3.83 -10.29
N LYS A 185 -34.82 2.77 -9.90
CA LYS A 185 -33.38 2.83 -9.63
C LYS A 185 -32.90 3.61 -8.42
N GLU A 186 -33.76 4.41 -7.81
CA GLU A 186 -33.34 5.23 -6.67
C GLU A 186 -32.89 4.46 -5.42
N GLY A 187 -33.56 3.35 -5.12
CA GLY A 187 -33.18 2.58 -3.95
C GLY A 187 -31.81 1.95 -4.18
N LEU A 188 -31.63 1.41 -5.37
CA LEU A 188 -30.37 0.77 -5.75
C LEU A 188 -29.21 1.76 -5.78
N ALA A 189 -29.43 2.93 -6.36
CA ALA A 189 -28.39 3.95 -6.48
C ALA A 189 -27.92 4.46 -5.12
N LEU A 190 -28.83 4.52 -4.16
CA LEU A 190 -28.50 5.00 -2.82
C LEU A 190 -27.63 4.03 -2.02
N ILE A 191 -27.71 2.75 -2.35
CA ILE A 191 -26.96 1.74 -1.61
C ILE A 191 -25.85 1.01 -2.36
N ASN A 192 -25.84 1.13 -3.69
CA ASN A 192 -24.83 0.43 -4.48
C ASN A 192 -23.57 1.23 -4.77
N GLY A 193 -22.75 1.42 -3.74
CA GLY A 193 -21.53 2.18 -3.89
C GLY A 193 -20.54 1.91 -2.77
N THR A 194 -19.44 2.65 -2.80
CA THR A 194 -18.37 2.50 -1.82
C THR A 194 -18.37 3.65 -0.83
N SER A 195 -19.50 4.34 -0.69
CA SER A 195 -19.57 5.50 0.19
C SER A 195 -19.24 5.24 1.66
N GLY A 196 -19.45 4.02 2.12
CA GLY A 196 -19.14 3.71 3.50
C GLY A 196 -17.64 3.72 3.73
N MET A 197 -16.92 2.92 2.95
CA MET A 197 -15.46 2.84 3.08
C MET A 197 -14.79 4.14 2.64
N THR A 198 -15.34 4.77 1.61
CA THR A 198 -14.77 6.02 1.09
C THR A 198 -15.06 7.20 2.01
N GLY A 199 -16.24 7.20 2.63
CA GLY A 199 -16.57 8.28 3.56
C GLY A 199 -15.71 8.14 4.79
N LEU A 200 -15.71 6.95 5.40
CA LEU A 200 -14.91 6.71 6.59
C LEU A 200 -13.42 6.81 6.27
N GLY A 201 -13.02 6.30 5.11
CA GLY A 201 -11.63 6.36 4.71
C GLY A 201 -11.14 7.79 4.67
N SER A 202 -11.96 8.67 4.10
CA SER A 202 -11.62 10.10 4.01
C SER A 202 -11.27 10.67 5.39
N LEU A 203 -12.15 10.45 6.36
CA LEU A 203 -11.90 10.94 7.71
C LEU A 203 -10.58 10.37 8.26
N VAL A 204 -10.41 9.06 8.12
CA VAL A 204 -9.21 8.40 8.62
C VAL A 204 -7.94 8.96 8.00
N VAL A 205 -7.88 9.02 6.67
CA VAL A 205 -6.68 9.52 6.00
C VAL A 205 -6.40 10.99 6.35
N GLY A 206 -7.44 11.81 6.40
CA GLY A 206 -7.22 13.20 6.75
C GLY A 206 -6.61 13.30 8.14
N ARG A 207 -7.20 12.57 9.07
CA ARG A 207 -6.70 12.56 10.45
C ARG A 207 -5.32 11.87 10.52
N ALA A 208 -5.10 10.88 9.66
CA ALA A 208 -3.82 10.18 9.64
C ALA A 208 -2.69 11.16 9.32
N LEU A 209 -2.95 12.06 8.38
CA LEU A 209 -1.95 13.05 8.01
C LEU A 209 -1.67 14.01 9.16
N GLU A 210 -2.71 14.36 9.91
CA GLU A 210 -2.50 15.26 11.04
C GLU A 210 -1.74 14.51 12.13
N GLN A 211 -1.93 13.19 12.19
CA GLN A 211 -1.23 12.38 13.19
C GLN A 211 0.26 12.34 12.85
N ALA A 212 0.56 12.20 11.55
CA ALA A 212 1.94 12.19 11.11
C ALA A 212 2.57 13.52 11.55
N GLN A 213 1.83 14.61 11.37
CA GLN A 213 2.33 15.92 11.75
C GLN A 213 2.53 16.03 13.26
N GLN A 214 1.59 15.48 14.02
CA GLN A 214 1.70 15.56 15.47
C GLN A 214 2.79 14.63 16.02
N ALA A 215 3.17 13.63 15.23
CA ALA A 215 4.23 12.71 15.62
C ALA A 215 5.55 13.45 15.40
N GLU A 216 5.61 14.21 14.31
CA GLU A 216 6.80 14.98 13.98
C GLU A 216 6.98 16.08 15.03
N ILE A 217 5.85 16.63 15.50
CA ILE A 217 5.88 17.69 16.51
C ILE A 217 6.46 17.23 17.84
N VAL A 218 6.03 16.08 18.35
CA VAL A 218 6.58 15.60 19.61
C VAL A 218 7.99 15.04 19.40
N THR A 219 8.23 14.47 18.23
CA THR A 219 9.55 13.92 17.95
C THR A 219 10.58 15.07 17.99
N ALA A 220 10.19 16.22 17.45
CA ALA A 220 11.07 17.39 17.44
C ALA A 220 11.40 17.81 18.86
N LEU A 221 10.36 17.93 19.69
CA LEU A 221 10.50 18.31 21.08
C LEU A 221 11.42 17.34 21.81
N LEU A 222 11.22 16.06 21.55
CA LEU A 222 12.03 15.03 22.18
C LEU A 222 13.48 15.18 21.76
N ILE A 223 13.70 15.37 20.46
CA ILE A 223 15.06 15.53 19.96
C ILE A 223 15.76 16.72 20.63
N GLU A 224 15.01 17.80 20.85
CA GLU A 224 15.58 18.98 21.50
C GLU A 224 15.88 18.68 22.97
N ALA A 225 14.93 18.04 23.65
CA ALA A 225 15.06 17.69 25.05
C ALA A 225 16.23 16.75 25.31
N VAL A 226 16.62 15.98 24.30
CA VAL A 226 17.72 15.04 24.47
C VAL A 226 18.99 15.58 23.79
N ARG A 227 18.90 16.79 23.23
CA ARG A 227 20.03 17.43 22.57
C ARG A 227 20.54 16.58 21.41
N GLY A 228 19.64 16.18 20.52
CA GLY A 228 20.05 15.37 19.39
C GLY A 228 20.71 16.19 18.29
N SER A 229 21.31 15.49 17.33
CA SER A 229 21.99 16.13 16.22
C SER A 229 20.97 16.49 15.13
N THR A 230 21.19 17.61 14.45
CA THR A 230 20.30 18.04 13.37
C THR A 230 20.74 17.47 12.02
N SER A 231 21.88 16.79 12.01
CA SER A 231 22.42 16.22 10.77
C SER A 231 21.44 15.37 9.96
N PRO A 232 20.71 14.44 10.61
CA PRO A 232 19.75 13.58 9.91
C PRO A 232 18.67 14.30 9.09
N PHE A 233 18.43 15.56 9.40
CA PHE A 233 17.37 16.29 8.72
C PHE A 233 17.81 17.27 7.63
N LEU A 234 19.12 17.39 7.42
CA LEU A 234 19.64 18.30 6.40
C LEU A 234 19.08 17.96 5.02
N ALA A 235 18.64 19.01 4.32
CA ALA A 235 18.05 18.89 2.99
C ALA A 235 18.79 18.02 1.97
N GLU A 236 20.12 18.15 1.94
CA GLU A 236 20.92 17.38 0.99
C GLU A 236 20.71 15.87 1.08
N GLY A 237 20.48 15.37 2.30
CA GLY A 237 20.29 13.95 2.49
C GLY A 237 18.96 13.42 1.98
N HIS A 238 18.06 14.31 1.62
CA HIS A 238 16.74 13.91 1.13
C HIS A 238 16.45 14.51 -0.24
N ASP A 239 16.34 15.83 -0.30
CA ASP A 239 16.08 16.53 -1.55
C ASP A 239 17.05 16.08 -2.65
N ILE A 240 18.29 15.81 -2.27
CA ILE A 240 19.29 15.39 -3.25
C ILE A 240 19.55 13.87 -3.27
N ALA A 241 20.00 13.33 -2.14
CA ALA A 241 20.34 11.91 -2.07
C ALA A 241 19.22 10.87 -2.14
N ARG A 242 18.02 11.21 -1.69
CA ARG A 242 16.93 10.21 -1.69
C ARG A 242 15.56 10.93 -1.71
N PRO A 243 15.18 11.45 -2.88
CA PRO A 243 13.96 12.19 -3.22
C PRO A 243 12.55 11.60 -3.04
N HIS A 244 12.31 10.82 -1.99
CA HIS A 244 10.96 10.31 -1.79
C HIS A 244 10.18 11.52 -1.28
N GLU A 245 8.99 11.75 -1.82
CA GLU A 245 8.20 12.91 -1.45
C GLU A 245 8.02 13.04 0.06
N GLY A 246 7.46 12.00 0.68
CA GLY A 246 7.22 12.00 2.10
C GLY A 246 8.47 12.24 2.94
N GLN A 247 9.59 11.65 2.53
CA GLN A 247 10.84 11.81 3.27
C GLN A 247 11.26 13.28 3.25
N ILE A 248 11.16 13.89 2.08
CA ILE A 248 11.51 15.30 1.89
C ILE A 248 10.60 16.15 2.78
N ASP A 249 9.31 15.82 2.78
CA ASP A 249 8.36 16.56 3.59
C ASP A 249 8.62 16.45 5.09
N THR A 250 8.90 15.26 5.58
CA THR A 250 9.16 15.08 7.00
C THR A 250 10.42 15.82 7.43
N ALA A 251 11.48 15.71 6.63
CA ALA A 251 12.74 16.38 6.96
C ALA A 251 12.54 17.90 6.98
N ALA A 252 11.80 18.40 6.00
CA ALA A 252 11.52 19.83 5.94
C ALA A 252 10.76 20.26 7.21
N ASN A 253 9.76 19.47 7.60
CA ASN A 253 8.98 19.77 8.81
C ASN A 253 9.84 19.70 10.07
N MET A 254 10.75 18.72 10.14
CA MET A 254 11.60 18.59 11.31
C MET A 254 12.56 19.77 11.43
N ARG A 255 13.09 20.24 10.29
CA ARG A 255 14.00 21.38 10.29
C ARG A 255 13.25 22.64 10.76
N ALA A 256 12.03 22.81 10.29
CA ALA A 256 11.24 23.97 10.66
C ALA A 256 10.84 23.94 12.15
N LEU A 257 10.47 22.76 12.64
CA LEU A 257 10.06 22.62 14.03
C LEU A 257 11.16 22.89 15.04
N MET A 258 12.38 22.47 14.74
CA MET A 258 13.49 22.67 15.67
C MET A 258 14.25 23.96 15.41
N ARG A 259 13.87 24.68 14.37
CA ARG A 259 14.51 25.94 14.01
C ARG A 259 14.56 26.86 15.23
N GLY A 260 15.74 27.42 15.49
CA GLY A 260 15.90 28.32 16.63
C GLY A 260 16.14 27.64 17.97
N SER A 261 16.35 26.34 17.98
CA SER A 261 16.59 25.63 19.23
C SER A 261 18.01 25.90 19.74
N GLY A 262 18.17 25.96 21.05
CA GLY A 262 19.49 26.19 21.61
C GLY A 262 20.01 24.90 22.21
N LEU A 263 19.21 23.84 22.07
CA LEU A 263 19.56 22.55 22.63
C LEU A 263 20.12 21.56 21.62
N THR A 264 19.59 21.57 20.40
CA THR A 264 20.07 20.66 19.36
C THR A 264 21.55 20.90 19.11
N VAL A 265 22.21 19.90 18.52
CA VAL A 265 23.63 19.99 18.22
C VAL A 265 23.88 19.86 16.72
N GLU A 266 24.85 20.62 16.23
CA GLU A 266 25.22 20.58 14.82
C GLU A 266 26.31 19.52 14.72
N HIS A 267 26.33 18.80 13.60
CA HIS A 267 27.33 17.77 13.41
C HIS A 267 28.76 18.30 13.63
N ALA A 268 29.04 19.47 13.06
CA ALA A 268 30.36 20.09 13.19
C ALA A 268 30.80 20.18 14.64
N ASP A 269 29.90 20.63 15.52
CA ASP A 269 30.22 20.77 16.93
C ASP A 269 30.42 19.40 17.57
N LEU A 270 29.58 18.45 17.18
CA LEU A 270 29.68 17.09 17.73
C LEU A 270 31.06 16.48 17.46
N ARG A 271 31.49 16.45 16.21
CA ARG A 271 32.78 15.87 15.86
C ARG A 271 33.96 16.67 16.42
N ARG A 272 33.79 17.97 16.60
CA ARG A 272 34.87 18.78 17.16
C ARG A 272 34.97 18.41 18.63
N GLU A 273 33.82 18.35 19.29
CA GLU A 273 33.76 17.99 20.69
C GLU A 273 34.37 16.60 20.89
N LEU A 274 34.01 15.68 20.00
CA LEU A 274 34.51 14.32 20.06
C LEU A 274 35.99 14.28 19.73
N GLN A 275 36.44 15.16 18.83
CA GLN A 275 37.84 15.20 18.46
C GLN A 275 38.69 15.62 19.64
N LYS A 276 38.25 16.65 20.37
CA LYS A 276 38.97 17.12 21.54
C LYS A 276 39.08 15.99 22.57
N ASP A 277 38.09 15.12 22.58
CA ASP A 277 38.04 14.02 23.53
C ASP A 277 38.98 12.85 23.24
N LYS A 278 39.54 12.79 22.04
CA LYS A 278 40.44 11.69 21.69
C LYS A 278 41.92 11.99 21.91
N GLU A 279 42.65 11.01 22.46
CA GLU A 279 44.08 11.14 22.68
C GLU A 279 44.81 10.73 21.40
N ALA A 280 46.05 11.16 21.26
CA ALA A 280 46.83 10.86 20.06
C ALA A 280 47.59 9.53 20.04
N GLY A 281 47.87 8.97 21.21
CA GLY A 281 48.60 7.71 21.25
C GLY A 281 47.79 6.45 21.09
N LYS A 282 46.47 6.55 21.22
CA LYS A 282 45.58 5.39 21.14
C LYS A 282 45.07 5.05 19.74
N ASP A 283 45.08 3.77 19.39
CA ASP A 283 44.57 3.33 18.10
C ASP A 283 43.06 3.14 18.21
N VAL A 284 42.61 2.80 19.41
CA VAL A 284 41.19 2.60 19.69
C VAL A 284 40.95 3.07 21.11
N GLN A 285 40.00 3.99 21.27
CA GLN A 285 39.69 4.53 22.60
C GLN A 285 38.20 4.74 22.75
N ARG A 286 37.70 4.55 23.97
CA ARG A 286 36.28 4.69 24.25
C ARG A 286 35.90 6.15 24.49
N SER A 287 34.63 6.46 24.27
CA SER A 287 34.11 7.80 24.46
C SER A 287 32.64 7.72 24.83
N GLU A 288 32.17 8.68 25.61
CA GLU A 288 30.77 8.71 26.00
C GLU A 288 29.97 9.50 24.97
N ILE A 289 30.69 10.08 24.01
CA ILE A 289 30.04 10.88 22.97
C ILE A 289 29.60 10.02 21.79
N TYR A 290 28.35 10.21 21.37
CA TYR A 290 27.78 9.48 20.25
C TYR A 290 27.63 10.45 19.09
N LEU A 291 28.40 10.24 18.03
CA LEU A 291 28.35 11.11 16.86
C LEU A 291 26.96 11.06 16.22
N GLN A 292 26.31 9.91 16.35
CA GLN A 292 24.95 9.70 15.82
C GLN A 292 24.06 9.16 16.93
N LYS A 293 22.78 9.44 16.85
CA LYS A 293 21.83 8.95 17.84
C LYS A 293 21.22 7.67 17.27
N ALA A 294 20.43 6.97 18.07
CA ALA A 294 19.77 5.73 17.62
C ALA A 294 18.75 6.02 16.53
N TYR A 295 18.38 4.97 15.79
CA TYR A 295 17.42 5.12 14.69
C TYR A 295 16.16 5.90 15.06
N SER A 296 15.54 5.56 16.19
CA SER A 296 14.32 6.24 16.60
C SER A 296 14.44 7.75 16.68
N LEU A 297 15.67 8.27 16.75
CA LEU A 297 15.88 9.72 16.82
C LEU A 297 16.70 10.19 15.63
N ARG A 298 16.70 9.40 14.56
CA ARG A 298 17.51 9.73 13.39
C ARG A 298 16.89 9.31 12.05
N ALA A 299 16.24 8.15 12.03
CA ALA A 299 15.60 7.65 10.81
C ALA A 299 14.18 8.18 10.68
N ILE A 300 13.90 9.30 11.33
CA ILE A 300 12.57 9.88 11.30
C ILE A 300 12.12 10.26 9.88
N PRO A 301 12.99 10.92 9.11
CA PRO A 301 12.58 11.28 7.74
C PRO A 301 12.21 10.06 6.91
N GLN A 302 13.02 9.01 7.02
CA GLN A 302 12.80 7.79 6.25
C GLN A 302 11.52 7.05 6.65
N VAL A 303 11.31 6.89 7.95
CA VAL A 303 10.12 6.19 8.46
C VAL A 303 8.81 6.97 8.35
N VAL A 304 8.74 8.15 8.95
CA VAL A 304 7.51 8.92 8.86
C VAL A 304 7.27 9.30 7.39
N GLY A 305 8.36 9.50 6.65
CA GLY A 305 8.23 9.83 5.24
C GLY A 305 7.55 8.71 4.46
N ALA A 306 7.90 7.47 4.78
CA ALA A 306 7.29 6.32 4.11
C ALA A 306 5.81 6.29 4.46
N VAL A 307 5.49 6.65 5.69
CA VAL A 307 4.12 6.69 6.14
C VAL A 307 3.39 7.74 5.31
N ARG A 308 3.98 8.93 5.19
CA ARG A 308 3.39 10.01 4.40
C ARG A 308 3.12 9.56 2.96
N ASP A 309 4.09 8.90 2.33
CA ASP A 309 3.90 8.42 0.96
C ASP A 309 2.65 7.53 0.86
N THR A 310 2.48 6.64 1.82
CA THR A 310 1.34 5.74 1.83
C THR A 310 0.05 6.54 1.95
N LEU A 311 0.08 7.53 2.83
CA LEU A 311 -1.07 8.40 3.07
C LEU A 311 -1.38 9.29 1.86
N TYR A 312 -0.34 9.71 1.15
CA TYR A 312 -0.57 10.55 -0.04
C TYR A 312 -1.25 9.69 -1.10
N HIS A 313 -0.80 8.45 -1.23
CA HIS A 313 -1.38 7.54 -2.20
C HIS A 313 -2.83 7.26 -1.86
N ALA A 314 -3.12 7.05 -0.58
CA ALA A 314 -4.48 6.78 -0.13
C ALA A 314 -5.39 7.97 -0.40
N ARG A 315 -4.92 9.18 -0.08
CA ARG A 315 -5.72 10.39 -0.31
C ARG A 315 -6.01 10.57 -1.80
N HIS A 316 -5.03 10.26 -2.65
CA HIS A 316 -5.22 10.38 -4.08
C HIS A 316 -6.33 9.44 -4.53
N LYS A 317 -6.27 8.19 -4.08
CA LYS A 317 -7.29 7.20 -4.43
C LYS A 317 -8.65 7.65 -3.92
N LEU A 318 -8.69 8.16 -2.70
CA LEU A 318 -9.95 8.63 -2.12
C LEU A 318 -10.54 9.81 -2.88
N ARG A 319 -9.69 10.72 -3.34
CA ARG A 319 -10.18 11.87 -4.08
C ARG A 319 -10.81 11.42 -5.41
N ILE A 320 -10.16 10.48 -6.09
CA ILE A 320 -10.70 9.97 -7.34
C ILE A 320 -12.05 9.30 -7.05
N GLU A 321 -12.06 8.45 -6.02
CA GLU A 321 -13.26 7.73 -5.62
C GLU A 321 -14.41 8.64 -5.21
N LEU A 322 -14.11 9.65 -4.38
CA LEU A 322 -15.12 10.59 -3.92
C LEU A 322 -15.88 11.22 -5.07
N ASN A 323 -15.15 11.52 -6.14
CA ASN A 323 -15.70 12.16 -7.32
C ASN A 323 -15.87 11.18 -8.47
N SER A 324 -16.39 10.00 -8.17
CA SER A 324 -16.61 9.00 -9.21
C SER A 324 -18.05 8.51 -9.13
N ALA A 325 -18.51 7.88 -10.21
CA ALA A 325 -19.85 7.33 -10.21
C ALA A 325 -19.73 5.87 -9.75
N ASN A 326 -19.47 5.67 -8.47
CA ASN A 326 -19.36 4.32 -7.93
C ASN A 326 -20.79 3.88 -7.67
N ASP A 327 -21.44 3.41 -8.73
CA ASP A 327 -22.82 2.98 -8.70
C ASP A 327 -23.06 2.11 -9.93
N ASN A 328 -24.20 1.42 -10.00
CA ASN A 328 -24.48 0.56 -11.15
C ASN A 328 -25.95 0.18 -11.21
N PRO A 329 -26.54 0.13 -12.42
CA PRO A 329 -25.94 0.42 -13.72
C PRO A 329 -25.79 1.95 -13.89
N LEU A 330 -25.08 2.38 -14.92
CA LEU A 330 -24.86 3.81 -15.11
C LEU A 330 -25.43 4.38 -16.40
N PHE A 331 -25.72 5.68 -16.37
CA PHE A 331 -26.29 6.36 -17.53
C PHE A 331 -25.37 7.39 -18.17
N PHE A 332 -25.25 7.27 -19.49
CA PHE A 332 -24.44 8.19 -20.30
C PHE A 332 -25.31 8.52 -21.50
N GLU A 333 -25.62 9.81 -21.65
CA GLU A 333 -26.45 10.27 -22.75
C GLU A 333 -25.98 9.72 -24.09
N GLY A 334 -26.91 9.16 -24.85
CA GLY A 334 -26.58 8.61 -26.16
C GLY A 334 -25.95 7.24 -26.19
N LYS A 335 -25.82 6.59 -25.04
CA LYS A 335 -25.22 5.27 -24.98
C LYS A 335 -26.12 4.26 -24.28
N GLU A 336 -25.76 2.98 -24.38
CA GLU A 336 -26.52 1.93 -23.72
C GLU A 336 -26.24 2.08 -22.22
N ILE A 337 -27.15 1.62 -21.39
CA ILE A 337 -26.94 1.73 -19.95
C ILE A 337 -25.74 0.87 -19.57
N PHE A 338 -24.70 1.50 -19.02
CA PHE A 338 -23.48 0.81 -18.62
C PHE A 338 -23.71 -0.16 -17.46
N HIS A 339 -23.48 -1.45 -17.71
CA HIS A 339 -23.62 -2.48 -16.67
C HIS A 339 -22.23 -2.99 -16.35
N GLY A 340 -21.64 -2.42 -15.30
CA GLY A 340 -20.31 -2.81 -14.88
C GLY A 340 -20.22 -3.11 -13.40
N ALA A 341 -19.14 -2.67 -12.76
CA ALA A 341 -18.97 -2.94 -11.32
C ALA A 341 -18.24 -1.83 -10.58
N ASN A 342 -18.64 -0.58 -10.83
CA ASN A 342 -18.01 0.56 -10.18
C ASN A 342 -18.34 0.64 -8.68
N PHE A 343 -19.13 -0.32 -8.22
CA PHE A 343 -19.52 -0.38 -6.81
C PHE A 343 -18.48 -1.19 -6.04
N HIS A 344 -17.55 -1.80 -6.78
CA HIS A 344 -16.51 -2.63 -6.18
C HIS A 344 -15.43 -1.77 -5.54
N GLY A 345 -15.32 -1.86 -4.21
CA GLY A 345 -14.36 -1.04 -3.48
C GLY A 345 -12.91 -1.46 -3.41
N GLN A 346 -12.47 -2.36 -4.28
CA GLN A 346 -11.07 -2.80 -4.25
C GLN A 346 -10.00 -1.70 -4.15
N PRO A 347 -10.13 -0.62 -4.95
CA PRO A 347 -9.08 0.42 -4.84
C PRO A 347 -9.00 1.08 -3.48
N ILE A 348 -10.14 1.20 -2.81
CA ILE A 348 -10.16 1.80 -1.48
C ILE A 348 -9.80 0.73 -0.44
N ALA A 349 -10.22 -0.50 -0.67
CA ALA A 349 -9.91 -1.60 0.24
C ALA A 349 -8.39 -1.68 0.38
N PHE A 350 -7.67 -1.71 -0.75
CA PHE A 350 -6.21 -1.76 -0.74
C PHE A 350 -5.64 -0.53 -0.05
N ALA A 351 -6.06 0.64 -0.49
CA ALA A 351 -5.57 1.89 0.08
C ALA A 351 -5.69 1.95 1.60
N MET A 352 -6.83 1.53 2.14
CA MET A 352 -7.00 1.56 3.58
C MET A 352 -6.17 0.49 4.29
N ASP A 353 -6.02 -0.68 3.66
CA ASP A 353 -5.19 -1.73 4.26
C ASP A 353 -3.76 -1.19 4.38
N PHE A 354 -3.31 -0.49 3.35
CA PHE A 354 -1.96 0.08 3.33
C PHE A 354 -1.82 1.13 4.42
N VAL A 355 -2.86 1.92 4.64
CA VAL A 355 -2.85 2.93 5.69
C VAL A 355 -2.74 2.25 7.06
N THR A 356 -3.43 1.12 7.22
CA THR A 356 -3.38 0.37 8.48
C THR A 356 -1.94 -0.01 8.79
N ILE A 357 -1.25 -0.52 7.77
CA ILE A 357 0.14 -0.94 7.91
C ILE A 357 1.06 0.24 8.21
N ALA A 358 0.93 1.31 7.44
CA ALA A 358 1.77 2.48 7.62
C ALA A 358 1.59 3.10 9.00
N LEU A 359 0.35 3.27 9.43
CA LEU A 359 0.11 3.83 10.76
C LEU A 359 0.63 2.92 11.88
N THR A 360 0.62 1.61 11.68
CA THR A 360 1.15 0.72 12.71
C THR A 360 2.64 1.00 12.93
N GLN A 361 3.37 1.26 11.85
CA GLN A 361 4.78 1.54 11.95
C GLN A 361 5.00 2.92 12.58
N LEU A 362 4.10 3.86 12.31
CA LEU A 362 4.24 5.18 12.91
C LEU A 362 4.20 4.99 14.43
N GLY A 363 3.30 4.11 14.88
CA GLY A 363 3.18 3.81 16.30
C GLY A 363 4.40 3.08 16.85
N VAL A 364 4.94 2.14 16.08
CA VAL A 364 6.13 1.40 16.49
C VAL A 364 7.26 2.40 16.81
N LEU A 365 7.41 3.37 15.92
CA LEU A 365 8.44 4.39 16.06
C LEU A 365 8.23 5.24 17.30
N ALA A 366 6.99 5.68 17.49
CA ALA A 366 6.66 6.53 18.64
C ALA A 366 6.90 5.79 19.97
N GLU A 367 6.61 4.48 20.00
CA GLU A 367 6.80 3.71 21.23
C GLU A 367 8.28 3.51 21.56
N ARG A 368 9.11 3.30 20.53
CA ARG A 368 10.53 3.15 20.78
C ARG A 368 11.15 4.47 21.24
N GLN A 369 10.58 5.59 20.81
CA GLN A 369 11.09 6.88 21.25
C GLN A 369 10.76 7.04 22.73
N ILE A 370 9.60 6.56 23.14
CA ILE A 370 9.20 6.60 24.54
C ILE A 370 10.20 5.74 25.34
N ASN A 371 10.51 4.56 24.80
CA ASN A 371 11.46 3.66 25.46
C ASN A 371 12.81 4.35 25.61
N ARG A 372 13.18 5.09 24.57
CA ARG A 372 14.44 5.84 24.51
C ARG A 372 14.56 6.85 25.66
N VAL A 373 13.51 7.62 25.89
CA VAL A 373 13.56 8.63 26.93
C VAL A 373 13.43 8.08 28.35
N LEU A 374 12.75 6.96 28.51
CA LEU A 374 12.57 6.35 29.83
C LEU A 374 13.75 5.47 30.30
N ASN A 375 14.58 5.00 29.37
CA ASN A 375 15.71 4.14 29.72
C ASN A 375 16.96 4.97 30.02
N ARG A 376 17.41 4.97 31.27
CA ARG A 376 18.59 5.76 31.65
C ARG A 376 19.81 5.49 30.77
N HIS A 377 20.06 4.23 30.41
CA HIS A 377 21.20 3.89 29.57
C HIS A 377 21.01 4.41 28.14
N LEU A 378 19.78 4.77 27.78
CA LEU A 378 19.50 5.24 26.43
C LEU A 378 19.24 6.75 26.34
N SER A 379 18.72 7.35 27.40
CA SER A 379 18.42 8.78 27.39
C SER A 379 19.65 9.63 27.68
N TYR A 380 19.69 10.83 27.11
CA TYR A 380 20.83 11.70 27.32
C TYR A 380 20.70 12.54 28.58
N GLY A 381 21.35 12.09 29.65
CA GLY A 381 21.32 12.82 30.91
C GLY A 381 19.93 13.02 31.48
N LEU A 382 19.21 11.92 31.67
CA LEU A 382 17.87 11.96 32.23
C LEU A 382 17.77 10.81 33.22
N PRO A 383 17.12 11.05 34.37
CA PRO A 383 16.97 10.00 35.39
C PRO A 383 16.16 8.82 34.86
N GLU A 384 16.30 7.67 35.49
CA GLU A 384 15.56 6.48 35.08
C GLU A 384 14.06 6.71 35.13
N PHE A 385 13.38 6.31 34.06
CA PHE A 385 11.94 6.44 33.92
C PHE A 385 11.44 7.82 34.31
N LEU A 386 12.28 8.82 34.08
CA LEU A 386 11.97 10.22 34.38
C LEU A 386 11.45 10.48 35.80
N VAL A 387 12.01 9.80 36.79
CA VAL A 387 11.60 10.02 38.18
C VAL A 387 12.34 11.26 38.68
N SER A 388 11.58 12.26 39.13
CA SER A 388 12.18 13.50 39.63
C SER A 388 12.62 13.44 41.09
N GLY A 389 12.14 12.43 41.81
CA GLY A 389 12.50 12.29 43.22
C GLY A 389 13.35 11.06 43.45
N ASP A 390 13.05 10.32 44.52
CA ASP A 390 13.81 9.12 44.84
C ASP A 390 13.33 7.94 44.01
N PRO A 391 14.12 7.54 43.00
CA PRO A 391 13.71 6.40 42.17
C PRO A 391 13.52 5.17 43.04
N GLY A 392 12.81 4.16 42.53
CA GLY A 392 12.56 2.98 43.32
C GLY A 392 11.33 3.27 44.17
N LEU A 393 11.46 4.25 45.06
CA LEU A 393 10.32 4.63 45.91
C LEU A 393 9.21 5.13 44.99
N HIS A 394 9.60 5.83 43.92
CA HIS A 394 8.66 6.32 42.92
C HIS A 394 9.06 5.68 41.59
N SER A 395 8.08 5.32 40.77
CA SER A 395 8.37 4.71 39.48
C SER A 395 8.33 5.71 38.33
N GLY A 396 7.83 6.91 38.59
CA GLY A 396 7.76 7.91 37.54
C GLY A 396 6.87 7.50 36.38
N PHE A 397 7.43 7.42 35.18
CA PHE A 397 6.66 7.03 34.00
C PHE A 397 6.77 5.54 33.66
N ALA A 398 7.40 4.77 34.54
CA ALA A 398 7.58 3.34 34.30
C ALA A 398 6.28 2.61 33.95
N GLY A 399 5.20 2.93 34.67
CA GLY A 399 3.93 2.28 34.41
C GLY A 399 3.22 2.82 33.18
N ALA A 400 3.54 4.05 32.80
CA ALA A 400 2.92 4.70 31.65
C ALA A 400 3.41 4.13 30.32
N GLN A 401 4.61 3.55 30.31
CA GLN A 401 5.12 2.97 29.07
C GLN A 401 4.32 1.75 28.63
N TYR A 402 3.80 0.99 29.60
CA TYR A 402 3.07 -0.24 29.28
C TYR A 402 1.90 -0.14 28.30
N PRO A 403 1.00 0.84 28.49
CA PRO A 403 -0.11 0.93 27.53
C PRO A 403 0.38 1.21 26.10
N ALA A 404 1.46 1.98 25.98
CA ALA A 404 2.02 2.31 24.66
C ALA A 404 2.60 1.05 24.03
N THR A 405 3.38 0.31 24.82
CA THR A 405 4.00 -0.92 24.35
C THR A 405 2.92 -1.93 23.96
N ALA A 406 1.86 -2.00 24.76
CA ALA A 406 0.76 -2.93 24.52
C ALA A 406 -0.03 -2.61 23.25
N LEU A 407 -0.20 -1.33 22.95
CA LEU A 407 -0.94 -0.93 21.78
C LEU A 407 -0.17 -1.25 20.49
N VAL A 408 1.15 -1.30 20.58
CA VAL A 408 1.97 -1.65 19.42
C VAL A 408 1.68 -3.11 19.10
N ALA A 409 1.71 -3.96 20.13
CA ALA A 409 1.44 -5.37 19.96
C ALA A 409 0.02 -5.57 19.40
N GLU A 410 -0.93 -4.79 19.91
CA GLU A 410 -2.32 -4.89 19.48
C GLU A 410 -2.49 -4.48 18.02
N ASN A 411 -1.88 -3.37 17.61
CA ASN A 411 -2.00 -2.93 16.24
C ASN A 411 -1.42 -4.00 15.31
N ARG A 412 -0.42 -4.73 15.79
CA ARG A 412 0.20 -5.80 15.00
C ARG A 412 -0.70 -7.03 14.82
N THR A 413 -1.78 -7.14 15.59
CA THR A 413 -2.68 -8.27 15.44
C THR A 413 -3.78 -7.94 14.42
N ILE A 414 -3.70 -6.74 13.85
CA ILE A 414 -4.69 -6.33 12.87
C ILE A 414 -4.20 -6.67 11.46
N GLY A 415 -4.87 -7.62 10.82
CA GLY A 415 -4.49 -8.05 9.49
C GLY A 415 -5.30 -7.42 8.36
N PRO A 416 -4.75 -7.45 7.14
CA PRO A 416 -5.40 -6.88 5.96
C PRO A 416 -6.77 -7.54 5.72
N ALA A 417 -7.75 -6.73 5.36
CA ALA A 417 -9.10 -7.24 5.08
C ALA A 417 -9.38 -7.29 3.57
N SER A 418 -8.66 -6.48 2.81
CA SER A 418 -8.86 -6.40 1.36
C SER A 418 -8.61 -7.67 0.55
N THR A 419 -8.05 -8.69 1.21
CA THR A 419 -7.74 -9.96 0.55
C THR A 419 -8.61 -11.12 1.07
N GLN A 420 -9.49 -10.83 2.01
CA GLN A 420 -10.33 -11.84 2.64
C GLN A 420 -11.74 -11.99 2.09
N SER A 421 -11.94 -11.77 0.79
CA SER A 421 -13.28 -11.93 0.23
C SER A 421 -13.73 -13.37 0.44
N VAL A 422 -15.04 -13.52 0.61
CA VAL A 422 -15.67 -14.83 0.78
C VAL A 422 -16.89 -14.73 -0.13
N PRO A 423 -17.09 -15.72 -1.01
CA PRO A 423 -18.23 -15.72 -1.93
C PRO A 423 -19.62 -15.83 -1.29
N SER A 424 -20.56 -15.02 -1.75
CA SER A 424 -21.92 -15.06 -1.23
C SER A 424 -22.94 -14.76 -2.33
N ASN A 425 -24.22 -14.75 -1.95
CA ASN A 425 -25.30 -14.46 -2.88
C ASN A 425 -25.27 -15.41 -4.08
N GLY A 426 -25.33 -16.70 -3.80
CA GLY A 426 -25.31 -17.70 -4.86
C GLY A 426 -24.11 -17.53 -5.77
N ASP A 427 -22.97 -17.23 -5.18
CA ASP A 427 -21.74 -17.02 -5.92
C ASP A 427 -21.78 -15.84 -6.89
N ASN A 428 -22.85 -15.04 -6.82
CA ASN A 428 -22.92 -13.87 -7.69
C ASN A 428 -21.84 -12.90 -7.24
N GLN A 429 -21.73 -12.71 -5.93
CA GLN A 429 -20.70 -11.83 -5.39
C GLN A 429 -19.55 -12.75 -5.06
N ASP A 430 -18.92 -13.34 -6.09
CA ASP A 430 -17.83 -14.28 -5.84
C ASP A 430 -16.48 -13.67 -5.50
N VAL A 431 -16.32 -12.37 -5.75
CA VAL A 431 -15.08 -11.67 -5.41
C VAL A 431 -15.43 -10.25 -4.93
N VAL A 432 -15.32 -10.03 -3.62
CA VAL A 432 -15.62 -8.73 -2.99
C VAL A 432 -14.35 -8.11 -2.39
N SER A 433 -14.46 -6.88 -1.86
CA SER A 433 -13.27 -6.19 -1.33
C SER A 433 -13.12 -6.08 0.19
N MET A 434 -14.21 -6.19 0.93
CA MET A 434 -14.16 -6.08 2.40
C MET A 434 -13.59 -4.71 2.81
N GLY A 435 -13.69 -3.75 1.90
CA GLY A 435 -13.15 -2.42 2.10
C GLY A 435 -13.51 -1.64 3.36
N LEU A 436 -14.74 -1.79 3.85
CA LEU A 436 -15.14 -1.05 5.05
C LEU A 436 -14.47 -1.64 6.29
N ILE A 437 -14.11 -2.93 6.24
CA ILE A 437 -13.40 -3.54 7.36
C ILE A 437 -12.00 -2.92 7.34
N SER A 438 -11.41 -2.84 6.15
CA SER A 438 -10.09 -2.24 5.98
C SER A 438 -10.10 -0.81 6.55
N ALA A 439 -11.16 -0.06 6.25
CA ALA A 439 -11.27 1.32 6.73
C ALA A 439 -11.41 1.36 8.25
N ARG A 440 -12.19 0.44 8.80
CA ARG A 440 -12.35 0.42 10.24
C ARG A 440 -11.05 -0.03 10.91
N ASN A 441 -10.26 -0.83 10.19
CA ASN A 441 -8.97 -1.30 10.69
C ASN A 441 -8.00 -0.12 10.85
N ALA A 442 -7.95 0.75 9.84
CA ALA A 442 -7.07 1.90 9.84
C ALA A 442 -7.50 2.90 10.92
N ARG A 443 -8.81 2.99 11.13
CA ARG A 443 -9.36 3.88 12.14
C ARG A 443 -8.91 3.45 13.53
N ARG A 444 -8.94 2.14 13.76
CA ARG A 444 -8.54 1.58 15.05
C ARG A 444 -7.08 1.91 15.37
N VAL A 445 -6.19 1.68 14.40
CA VAL A 445 -4.76 1.96 14.58
C VAL A 445 -4.55 3.45 14.83
N LEU A 446 -5.27 4.27 14.07
CA LEU A 446 -5.20 5.73 14.20
C LEU A 446 -5.57 6.09 15.64
N SER A 447 -6.66 5.48 16.12
CA SER A 447 -7.11 5.75 17.48
C SER A 447 -6.10 5.28 18.53
N ASN A 448 -5.55 4.08 18.34
CA ASN A 448 -4.56 3.57 19.27
C ASN A 448 -3.30 4.43 19.28
N ASN A 449 -2.89 4.91 18.09
CA ASN A 449 -1.71 5.74 17.98
C ASN A 449 -1.80 7.04 18.79
N ASN A 450 -3.01 7.57 18.96
CA ASN A 450 -3.17 8.80 19.73
C ASN A 450 -2.83 8.53 21.19
N LYS A 451 -3.10 7.31 21.65
CA LYS A 451 -2.80 6.93 23.02
C LYS A 451 -1.31 6.76 23.17
N ILE A 452 -0.68 6.14 22.17
CA ILE A 452 0.76 5.94 22.21
C ILE A 452 1.40 7.33 22.21
N LEU A 453 0.95 8.18 21.30
CA LEU A 453 1.48 9.54 21.20
C LEU A 453 1.23 10.34 22.46
N ALA A 454 0.09 10.11 23.11
CA ALA A 454 -0.24 10.81 24.35
C ALA A 454 0.86 10.54 25.38
N VAL A 455 1.26 9.28 25.52
CA VAL A 455 2.32 8.94 26.47
C VAL A 455 3.62 9.63 26.08
N GLU A 456 3.91 9.67 24.78
CA GLU A 456 5.14 10.31 24.32
C GLU A 456 5.14 11.82 24.59
N TYR A 457 4.01 12.47 24.36
CA TYR A 457 3.92 13.91 24.61
C TYR A 457 4.16 14.22 26.08
N LEU A 458 3.53 13.43 26.95
CA LEU A 458 3.69 13.62 28.38
C LEU A 458 5.12 13.33 28.82
N ALA A 459 5.71 12.27 28.28
CA ALA A 459 7.09 11.90 28.61
C ALA A 459 8.08 13.00 28.20
N ALA A 460 7.85 13.58 27.03
CA ALA A 460 8.71 14.64 26.51
C ALA A 460 8.63 15.89 27.39
N ALA A 461 7.41 16.31 27.73
CA ALA A 461 7.24 17.49 28.58
C ALA A 461 7.93 17.24 29.92
N GLN A 462 7.84 16.00 30.39
CA GLN A 462 8.45 15.61 31.66
C GLN A 462 9.97 15.63 31.54
N ALA A 463 10.48 15.21 30.39
CA ALA A 463 11.92 15.21 30.17
C ALA A 463 12.44 16.64 30.18
N VAL A 464 11.58 17.57 29.76
CA VAL A 464 11.95 18.97 29.74
C VAL A 464 12.14 19.57 31.14
N ASP A 465 11.16 19.41 32.04
CA ASP A 465 11.34 19.99 33.37
C ASP A 465 12.37 19.25 34.23
N ILE A 466 12.53 17.95 34.04
CA ILE A 466 13.51 17.22 34.82
C ILE A 466 14.93 17.68 34.48
N SER A 467 15.17 17.90 33.19
CA SER A 467 16.48 18.34 32.72
C SER A 467 16.71 19.84 32.93
N GLY A 468 15.61 20.59 33.06
CA GLY A 468 15.71 22.03 33.25
C GLY A 468 16.12 22.69 31.94
N ARG A 469 15.67 22.12 30.83
CA ARG A 469 16.03 22.63 29.51
C ARG A 469 14.98 23.50 28.84
N PHE A 470 13.94 23.88 29.55
CA PHE A 470 12.88 24.69 28.95
C PHE A 470 13.40 25.90 28.18
N ASP A 471 14.16 26.75 28.85
CA ASP A 471 14.70 27.95 28.23
C ASP A 471 15.45 27.72 26.92
N GLY A 472 15.96 26.51 26.73
CA GLY A 472 16.70 26.20 25.52
C GLY A 472 15.83 25.76 24.34
N LEU A 473 14.59 25.39 24.64
CA LEU A 473 13.66 24.94 23.61
C LEU A 473 13.40 25.99 22.52
N SER A 474 13.23 25.52 21.28
CA SER A 474 12.94 26.40 20.16
C SER A 474 11.53 26.95 20.35
N PRO A 475 11.16 27.99 19.59
CA PRO A 475 9.81 28.56 19.73
C PRO A 475 8.71 27.51 19.59
N ALA A 476 8.88 26.58 18.65
CA ALA A 476 7.89 25.52 18.42
C ALA A 476 7.86 24.53 19.57
N ALA A 477 9.04 24.13 20.05
CA ALA A 477 9.13 23.20 21.18
C ALA A 477 8.47 23.80 22.41
N LYS A 478 8.67 25.10 22.63
CA LYS A 478 8.05 25.76 23.78
C LYS A 478 6.53 25.73 23.63
N ALA A 479 6.03 25.98 22.43
CA ALA A 479 4.59 25.95 22.19
C ALA A 479 4.02 24.57 22.50
N THR A 480 4.70 23.53 22.02
CA THR A 480 4.27 22.16 22.25
C THR A 480 4.25 21.87 23.76
N TYR A 481 5.34 22.26 24.43
CA TYR A 481 5.46 22.07 25.88
C TYR A 481 4.31 22.72 26.66
N GLU A 482 4.02 23.98 26.34
CA GLU A 482 2.96 24.72 27.01
C GLU A 482 1.63 24.05 26.76
N ALA A 483 1.40 23.61 25.53
CA ALA A 483 0.16 22.93 25.19
C ALA A 483 -0.07 21.73 26.09
N VAL A 484 0.98 20.95 26.35
CA VAL A 484 0.84 19.78 27.21
C VAL A 484 0.60 20.19 28.66
N ARG A 485 1.44 21.09 29.18
CA ARG A 485 1.33 21.55 30.55
C ARG A 485 -0.04 22.20 30.83
N ARG A 486 -0.67 22.71 29.78
CA ARG A 486 -1.97 23.36 29.92
C ARG A 486 -3.01 22.29 30.28
N LEU A 487 -2.72 21.05 29.90
CA LEU A 487 -3.63 19.95 30.17
C LEU A 487 -3.19 19.14 31.38
N VAL A 488 -1.89 18.84 31.45
CA VAL A 488 -1.34 18.03 32.53
C VAL A 488 -0.07 18.64 33.13
N PRO A 489 -0.01 18.67 34.48
CA PRO A 489 1.14 19.24 35.19
C PRO A 489 2.35 18.30 35.21
N THR A 490 3.48 18.85 35.62
CA THR A 490 4.72 18.10 35.74
C THR A 490 4.47 16.96 36.70
N LEU A 491 5.18 15.85 36.52
CA LEU A 491 5.00 14.73 37.42
C LEU A 491 5.99 14.83 38.59
N GLY A 492 5.48 15.16 39.77
CA GLY A 492 6.32 15.25 40.95
C GLY A 492 6.32 13.84 41.53
N VAL A 493 5.53 13.62 42.58
CA VAL A 493 5.45 12.30 43.18
C VAL A 493 4.58 11.44 42.26
N ASP A 494 4.61 10.12 42.45
CA ASP A 494 3.80 9.21 41.62
C ASP A 494 2.31 9.53 41.80
N ARG A 495 1.53 9.31 40.76
CA ARG A 495 0.09 9.56 40.83
C ARG A 495 -0.67 8.80 39.75
N TYR A 496 -1.99 8.68 39.95
CA TYR A 496 -2.88 8.00 39.01
C TYR A 496 -2.58 8.62 37.63
N MET A 497 -2.20 7.79 36.66
CA MET A 497 -1.84 8.29 35.32
C MET A 497 -2.92 8.29 34.23
N ALA A 498 -3.81 7.31 34.27
CA ALA A 498 -4.85 7.15 33.24
C ALA A 498 -5.56 8.42 32.78
N ASP A 499 -6.01 9.25 33.72
CA ASP A 499 -6.70 10.48 33.34
C ASP A 499 -5.82 11.39 32.50
N ASP A 500 -4.56 11.53 32.90
CA ASP A 500 -3.64 12.40 32.18
C ASP A 500 -3.41 11.92 30.76
N ILE A 501 -3.26 10.61 30.59
CA ILE A 501 -3.02 10.05 29.28
C ILE A 501 -4.22 10.24 28.36
N GLU A 502 -5.41 9.94 28.86
CA GLU A 502 -6.63 10.08 28.06
C GLU A 502 -6.90 11.55 27.73
N LEU A 503 -6.49 12.45 28.62
CA LEU A 503 -6.71 13.86 28.38
C LEU A 503 -5.87 14.30 27.19
N VAL A 504 -4.59 13.91 27.20
CA VAL A 504 -3.69 14.27 26.11
C VAL A 504 -4.07 13.57 24.79
N ALA A 505 -4.52 12.32 24.89
CA ALA A 505 -4.92 11.56 23.70
C ALA A 505 -6.16 12.17 23.04
N ASP A 506 -7.06 12.72 23.85
CA ASP A 506 -8.26 13.34 23.29
C ASP A 506 -7.82 14.60 22.54
N ALA A 507 -6.90 15.34 23.14
CA ALA A 507 -6.36 16.56 22.55
C ALA A 507 -5.74 16.23 21.20
N LEU A 508 -4.98 15.14 21.17
CA LEU A 508 -4.35 14.72 19.93
C LEU A 508 -5.40 14.38 18.88
N SER A 509 -6.48 13.72 19.30
CA SER A 509 -7.53 13.36 18.34
C SER A 509 -8.24 14.60 17.80
N ARG A 510 -8.07 15.72 18.48
CA ARG A 510 -8.70 16.98 18.05
C ARG A 510 -7.69 17.84 17.28
N GLY A 511 -6.46 17.34 17.15
CA GLY A 511 -5.44 18.08 16.44
C GLY A 511 -4.98 19.30 17.23
N GLU A 512 -5.14 19.24 18.55
CA GLU A 512 -4.76 20.34 19.44
C GLU A 512 -3.30 20.77 19.41
N PHE A 513 -2.41 19.84 19.10
CA PHE A 513 -0.99 20.18 19.08
C PHE A 513 -0.59 20.78 17.73
N LEU A 514 -1.31 20.38 16.70
CA LEU A 514 -1.08 20.91 15.37
C LEU A 514 -1.55 22.37 15.45
N ARG A 515 -2.61 22.61 16.22
CA ARG A 515 -3.18 23.94 16.40
C ARG A 515 -2.23 24.85 17.16
N ALA A 516 -1.63 24.34 18.23
CA ALA A 516 -0.69 25.12 19.02
C ALA A 516 0.45 25.66 18.17
N ILE A 517 0.97 24.82 17.28
CA ILE A 517 2.06 25.24 16.41
C ILE A 517 1.59 26.37 15.50
N ALA A 518 0.44 26.17 14.85
CA ALA A 518 -0.11 27.16 13.96
C ALA A 518 -0.40 28.47 14.68
N ARG A 519 -1.01 28.38 15.85
CA ARG A 519 -1.38 29.54 16.63
C ARG A 519 -0.23 30.24 17.35
N GLU A 520 0.83 29.50 17.67
CA GLU A 520 1.96 30.09 18.39
C GLU A 520 3.23 30.32 17.58
N THR A 521 3.27 29.88 16.33
CA THR A 521 4.47 30.08 15.53
C THR A 521 4.13 30.45 14.08
N ASP A 522 5.17 30.77 13.30
CA ASP A 522 5.00 31.13 11.90
C ASP A 522 5.08 29.87 11.05
N ILE A 523 5.62 28.81 11.65
CA ILE A 523 5.81 27.51 10.99
C ILE A 523 4.62 26.98 10.22
N GLN A 524 4.89 26.57 8.98
CA GLN A 524 3.87 25.99 8.11
C GLN A 524 4.25 24.54 7.86
N LEU A 525 3.54 23.62 8.50
CA LEU A 525 3.83 22.20 8.35
C LEU A 525 3.18 21.54 7.15
N ARG A 526 3.98 20.76 6.43
CA ARG A 526 3.49 20.04 5.26
C ARG A 526 2.73 18.83 5.77
N PRO B 1 23.87 -1.70 -23.87
CA PRO B 1 24.37 -1.77 -22.48
C PRO B 1 23.59 -0.87 -21.54
N VAL B 2 23.27 -1.39 -20.36
CA VAL B 2 22.54 -0.64 -19.37
C VAL B 2 23.47 0.36 -18.68
N SER B 3 23.04 1.62 -18.67
CA SER B 3 23.83 2.68 -18.04
C SER B 3 23.52 2.78 -16.56
N VAL B 4 24.52 2.53 -15.73
CA VAL B 4 24.38 2.60 -14.28
C VAL B 4 25.03 3.89 -13.82
N ASP B 5 24.23 4.95 -13.78
CA ASP B 5 24.67 6.29 -13.42
C ASP B 5 24.12 6.84 -12.10
N GLY B 6 23.42 6.00 -11.34
CA GLY B 6 22.84 6.46 -10.09
C GLY B 6 21.77 7.52 -10.27
N GLU B 7 21.32 7.72 -11.49
CA GLU B 7 20.31 8.73 -11.78
C GLU B 7 19.14 8.28 -12.65
N THR B 8 19.39 7.43 -13.64
CA THR B 8 18.33 7.05 -14.56
C THR B 8 18.00 5.56 -14.69
N LEU B 9 18.47 4.73 -13.77
CA LEU B 9 18.19 3.30 -13.86
C LEU B 9 16.70 3.02 -13.66
N THR B 10 16.15 2.11 -14.46
CA THR B 10 14.75 1.76 -14.34
C THR B 10 14.61 0.31 -13.85
N VAL B 11 13.43 -0.04 -13.36
CA VAL B 11 13.18 -1.39 -12.89
C VAL B 11 13.38 -2.32 -14.09
N GLU B 12 12.87 -1.89 -15.23
CA GLU B 12 12.99 -2.68 -16.45
C GLU B 12 14.47 -2.96 -16.77
N ALA B 13 15.30 -1.92 -16.65
CA ALA B 13 16.73 -2.09 -16.94
C ALA B 13 17.34 -3.04 -15.94
N VAL B 14 16.92 -2.94 -14.67
CA VAL B 14 17.44 -3.83 -13.64
C VAL B 14 17.21 -5.27 -14.05
N ARG B 15 16.00 -5.55 -14.55
CA ARG B 15 15.66 -6.90 -14.98
C ARG B 15 16.49 -7.35 -16.18
N ARG B 16 16.72 -6.44 -17.13
CA ARG B 16 17.54 -6.79 -18.28
C ARG B 16 18.91 -7.27 -17.81
N VAL B 17 19.51 -6.52 -16.90
CA VAL B 17 20.82 -6.87 -16.34
C VAL B 17 20.76 -8.20 -15.56
N ALA B 18 19.71 -8.35 -14.76
CA ALA B 18 19.57 -9.55 -13.94
C ALA B 18 19.11 -10.79 -14.68
N GLU B 19 18.04 -10.66 -15.46
CA GLU B 19 17.46 -11.78 -16.18
C GLU B 19 18.05 -12.07 -17.55
N GLU B 20 18.28 -11.04 -18.35
CA GLU B 20 18.82 -11.22 -19.69
C GLU B 20 20.33 -10.98 -19.75
N ARG B 21 20.94 -10.75 -18.59
CA ARG B 21 22.36 -10.52 -18.50
C ARG B 21 22.84 -9.41 -19.44
N ALA B 22 22.10 -8.31 -19.50
CA ALA B 22 22.51 -7.18 -20.34
C ALA B 22 23.78 -6.62 -19.71
N THR B 23 24.67 -6.10 -20.55
CA THR B 23 25.93 -5.54 -20.08
C THR B 23 25.73 -4.23 -19.31
N VAL B 24 26.57 -4.02 -18.31
CA VAL B 24 26.51 -2.83 -17.47
C VAL B 24 27.71 -1.94 -17.76
N ASP B 25 27.49 -0.63 -17.75
CA ASP B 25 28.55 0.33 -18.00
C ASP B 25 28.39 1.57 -17.14
N VAL B 26 29.41 1.90 -16.37
CA VAL B 26 29.37 3.11 -15.55
C VAL B 26 29.90 4.21 -16.46
N PRO B 27 29.06 5.23 -16.74
CA PRO B 27 29.48 6.33 -17.61
C PRO B 27 30.64 7.13 -17.05
N ALA B 28 31.48 7.66 -17.94
CA ALA B 28 32.65 8.44 -17.55
C ALA B 28 32.29 9.58 -16.60
N GLU B 29 31.16 10.22 -16.82
CA GLU B 29 30.74 11.31 -15.96
C GLU B 29 30.58 10.83 -14.52
N SER B 30 30.11 9.60 -14.35
CA SER B 30 29.91 9.03 -13.01
C SER B 30 31.27 8.69 -12.40
N ILE B 31 32.16 8.15 -13.23
CA ILE B 31 33.50 7.79 -12.75
C ILE B 31 34.21 9.06 -12.27
N ALA B 32 34.07 10.14 -13.03
CA ALA B 32 34.70 11.40 -12.68
C ALA B 32 34.12 11.92 -11.37
N LYS B 33 32.80 11.84 -11.21
CA LYS B 33 32.19 12.32 -9.98
C LYS B 33 32.69 11.53 -8.77
N ALA B 34 32.69 10.21 -8.88
CA ALA B 34 33.14 9.36 -7.78
C ALA B 34 34.60 9.63 -7.43
N GLN B 35 35.43 9.80 -8.45
CA GLN B 35 36.86 10.05 -8.28
C GLN B 35 37.11 11.32 -7.46
N LYS B 36 36.46 12.41 -7.87
CA LYS B 36 36.61 13.70 -7.19
C LYS B 36 36.16 13.61 -5.73
N SER B 37 34.98 13.04 -5.51
CA SER B 37 34.44 12.91 -4.16
C SER B 37 35.34 12.03 -3.30
N ARG B 38 35.95 11.02 -3.89
CA ARG B 38 36.84 10.12 -3.17
C ARG B 38 38.09 10.84 -2.71
N GLU B 39 38.64 11.66 -3.61
CA GLU B 39 39.86 12.40 -3.30
C GLU B 39 39.60 13.42 -2.20
N ILE B 40 38.47 14.11 -2.27
CA ILE B 40 38.15 15.08 -1.24
C ILE B 40 37.90 14.38 0.10
N PHE B 41 37.14 13.29 0.07
CA PHE B 41 36.85 12.55 1.29
C PHE B 41 38.14 12.00 1.91
N GLU B 42 39.03 11.48 1.06
CA GLU B 42 40.30 10.93 1.54
C GLU B 42 41.06 11.97 2.34
N GLY B 43 41.02 13.21 1.88
CA GLY B 43 41.71 14.29 2.57
C GLY B 43 41.13 14.51 3.95
N ILE B 44 39.82 14.33 4.08
CA ILE B 44 39.14 14.51 5.35
C ILE B 44 39.51 13.37 6.31
N ALA B 45 39.35 12.14 5.84
CA ALA B 45 39.66 10.97 6.65
C ALA B 45 41.12 10.95 7.10
N GLU B 46 42.01 11.42 6.23
CA GLU B 46 43.45 11.46 6.53
C GLU B 46 43.77 12.29 7.77
N GLN B 47 42.86 13.20 8.13
CA GLN B 47 43.08 14.05 9.29
C GLN B 47 42.54 13.43 10.58
N ASN B 48 42.18 12.15 10.52
CA ASN B 48 41.66 11.44 11.67
C ASN B 48 40.40 12.06 12.25
N ILE B 49 39.64 12.75 11.40
CA ILE B 49 38.40 13.38 11.82
C ILE B 49 37.33 12.33 12.07
N PRO B 50 36.59 12.45 13.18
CA PRO B 50 35.53 11.49 13.49
C PRO B 50 34.49 11.39 12.38
N ILE B 51 34.35 10.20 11.81
CA ILE B 51 33.39 9.93 10.73
C ILE B 51 32.84 8.54 11.02
N TYR B 52 31.54 8.38 11.14
CA TYR B 52 30.89 7.09 11.29
C TYR B 52 31.35 5.94 10.39
N GLY B 53 31.74 4.87 10.96
CA GLY B 53 32.15 3.73 10.17
C GLY B 53 33.44 3.91 9.40
N VAL B 54 34.15 4.99 9.68
CA VAL B 54 35.43 5.24 9.01
C VAL B 54 36.48 5.39 10.10
N THR B 55 36.17 6.18 11.11
CA THR B 55 37.08 6.38 12.23
C THR B 55 36.35 6.17 13.56
N THR B 56 35.32 5.33 13.52
CA THR B 56 34.52 5.01 14.72
C THR B 56 34.08 3.55 14.59
N GLY B 57 33.61 2.97 15.70
CA GLY B 57 33.10 1.61 15.67
C GLY B 57 31.76 1.62 14.96
N TYR B 58 31.17 0.44 14.73
CA TYR B 58 29.89 0.37 14.04
C TYR B 58 28.66 0.24 14.91
N GLY B 59 27.54 0.70 14.37
CA GLY B 59 26.28 0.64 15.09
C GLY B 59 26.43 1.25 16.47
N GLU B 60 26.00 0.52 17.49
CA GLU B 60 26.07 0.97 18.87
C GLU B 60 27.49 1.33 19.30
N MET B 61 28.48 0.63 18.76
CA MET B 61 29.87 0.89 19.14
C MET B 61 30.48 2.09 18.44
N ILE B 62 29.62 3.00 18.00
CA ILE B 62 30.06 4.22 17.35
C ILE B 62 30.84 5.07 18.38
N TYR B 63 30.69 4.74 19.66
CA TYR B 63 31.41 5.47 20.70
C TYR B 63 32.89 5.12 20.74
N MET B 64 33.28 4.03 20.07
CA MET B 64 34.67 3.63 20.02
C MET B 64 35.33 4.41 18.88
N GLN B 65 36.40 5.14 19.20
CA GLN B 65 37.11 5.94 18.22
C GLN B 65 38.31 5.15 17.69
N VAL B 66 38.33 4.91 16.38
CA VAL B 66 39.41 4.14 15.75
C VAL B 66 40.31 5.04 14.91
N ASP B 67 41.62 4.91 15.13
CA ASP B 67 42.61 5.70 14.40
C ASP B 67 42.61 5.32 12.92
N LYS B 68 43.04 6.24 12.06
CA LYS B 68 43.06 5.97 10.63
C LYS B 68 44.11 4.94 10.25
N SER B 69 44.99 4.61 11.18
CA SER B 69 46.03 3.61 10.91
C SER B 69 45.40 2.22 10.81
N LYS B 70 44.14 2.11 11.23
CA LYS B 70 43.43 0.83 11.17
C LYS B 70 42.44 0.80 10.00
N GLU B 71 42.58 1.76 9.09
CA GLU B 71 41.70 1.88 7.93
C GLU B 71 41.19 0.56 7.35
N VAL B 72 42.09 -0.21 6.75
CA VAL B 72 41.74 -1.48 6.12
C VAL B 72 41.17 -2.53 7.06
N GLU B 73 41.76 -2.67 8.25
CA GLU B 73 41.30 -3.64 9.21
C GLU B 73 39.86 -3.37 9.67
N LEU B 74 39.56 -2.09 9.91
CA LEU B 74 38.23 -1.70 10.34
C LEU B 74 37.17 -2.13 9.34
N GLN B 75 37.37 -1.73 8.09
CA GLN B 75 36.45 -2.06 7.00
C GLN B 75 36.34 -3.56 6.77
N THR B 76 37.45 -4.27 6.97
CA THR B 76 37.49 -5.71 6.75
C THR B 76 36.80 -6.49 7.87
N ASN B 77 37.03 -6.09 9.11
CA ASN B 77 36.38 -6.79 10.24
C ASN B 77 34.87 -6.64 10.09
N LEU B 78 34.45 -5.47 9.62
CA LEU B 78 33.03 -5.17 9.41
C LEU B 78 32.36 -6.18 8.48
N VAL B 79 32.93 -6.33 7.28
CA VAL B 79 32.40 -7.23 6.26
C VAL B 79 32.36 -8.68 6.75
N ARG B 80 33.43 -9.11 7.41
CA ARG B 80 33.49 -10.49 7.91
C ARG B 80 32.46 -10.74 9.02
N SER B 81 32.58 -10.00 10.11
CA SER B 81 31.69 -10.13 11.25
C SER B 81 30.20 -10.01 10.89
N HIS B 82 29.90 -9.34 9.78
CA HIS B 82 28.50 -9.19 9.39
C HIS B 82 28.03 -10.16 8.31
N SER B 83 28.94 -10.98 7.81
CA SER B 83 28.55 -11.98 6.83
C SER B 83 27.97 -13.14 7.63
N ALA B 84 26.78 -12.91 8.20
CA ALA B 84 26.11 -13.92 9.03
C ALA B 84 24.75 -14.30 8.45
N GLY B 85 24.66 -14.34 7.13
CA GLY B 85 23.41 -14.71 6.49
C GLY B 85 23.12 -16.19 6.65
N VAL B 86 21.84 -16.56 6.63
CA VAL B 86 21.45 -17.95 6.76
C VAL B 86 20.27 -18.25 5.83
N GLY B 87 19.93 -19.53 5.69
CA GLY B 87 18.82 -19.92 4.83
C GLY B 87 19.26 -20.19 3.40
N PRO B 88 18.31 -20.36 2.46
CA PRO B 88 18.66 -20.63 1.06
C PRO B 88 19.37 -19.43 0.43
N LEU B 89 20.10 -19.68 -0.64
CA LEU B 89 20.83 -18.66 -1.36
C LEU B 89 19.92 -18.10 -2.44
N PHE B 90 20.08 -16.82 -2.76
CA PHE B 90 19.29 -16.22 -3.80
C PHE B 90 19.70 -16.84 -5.14
N ALA B 91 18.79 -16.85 -6.10
CA ALA B 91 19.09 -17.40 -7.43
C ALA B 91 20.03 -16.45 -8.15
N GLU B 92 20.56 -16.87 -9.30
CA GLU B 92 21.48 -16.03 -10.05
C GLU B 92 20.90 -14.66 -10.38
N ASP B 93 19.71 -14.65 -10.98
CA ASP B 93 19.09 -13.40 -11.37
C ASP B 93 18.79 -12.47 -10.19
N GLU B 94 18.45 -13.03 -9.04
CA GLU B 94 18.16 -12.22 -7.86
C GLU B 94 19.45 -11.59 -7.32
N ALA B 95 20.53 -12.37 -7.32
CA ALA B 95 21.81 -11.87 -6.83
C ALA B 95 22.36 -10.77 -7.72
N ARG B 96 22.13 -10.89 -9.02
CA ARG B 96 22.59 -9.88 -9.98
C ARG B 96 21.81 -8.58 -9.79
N ALA B 97 20.51 -8.68 -9.51
CA ALA B 97 19.71 -7.48 -9.29
C ALA B 97 20.19 -6.75 -8.05
N ILE B 98 20.57 -7.51 -7.02
CA ILE B 98 21.06 -6.90 -5.79
C ILE B 98 22.38 -6.19 -6.06
N VAL B 99 23.29 -6.87 -6.75
CA VAL B 99 24.59 -6.28 -7.08
C VAL B 99 24.39 -5.03 -7.93
N ALA B 100 23.46 -5.11 -8.87
CA ALA B 100 23.16 -3.99 -9.77
C ALA B 100 22.69 -2.78 -8.98
N ALA B 101 21.74 -3.00 -8.07
CA ALA B 101 21.21 -1.93 -7.25
C ALA B 101 22.30 -1.28 -6.41
N ARG B 102 23.22 -2.08 -5.87
CA ARG B 102 24.29 -1.53 -5.05
C ARG B 102 25.22 -0.69 -5.93
N LEU B 103 25.54 -1.21 -7.11
CA LEU B 103 26.41 -0.50 -8.04
C LEU B 103 25.83 0.85 -8.43
N ASN B 104 24.52 0.89 -8.67
CA ASN B 104 23.88 2.13 -9.05
C ASN B 104 23.88 3.14 -7.92
N THR B 105 23.75 2.64 -6.70
CA THR B 105 23.73 3.49 -5.51
C THR B 105 25.08 4.19 -5.37
N LEU B 106 26.15 3.41 -5.45
CA LEU B 106 27.50 3.93 -5.32
C LEU B 106 27.86 4.87 -6.48
N ALA B 107 27.31 4.58 -7.67
CA ALA B 107 27.58 5.40 -8.85
C ALA B 107 26.99 6.81 -8.77
N LYS B 108 26.07 7.03 -7.85
CA LYS B 108 25.47 8.36 -7.70
C LYS B 108 26.54 9.34 -7.25
N GLY B 109 27.63 8.82 -6.70
CA GLY B 109 28.75 9.66 -6.28
C GLY B 109 28.74 10.32 -4.92
N HIS B 110 27.89 9.87 -4.01
CA HIS B 110 27.85 10.46 -2.68
C HIS B 110 28.37 9.51 -1.63
N SER B 111 28.81 8.33 -2.07
CA SER B 111 29.32 7.31 -1.16
C SER B 111 30.82 7.39 -0.88
N ALA B 112 31.53 8.27 -1.58
CA ALA B 112 32.96 8.45 -1.38
C ALA B 112 33.78 7.17 -1.55
N VAL B 113 33.35 6.35 -2.49
CA VAL B 113 34.01 5.09 -2.80
C VAL B 113 35.00 5.28 -3.96
N ARG B 114 36.10 4.53 -3.95
CA ARG B 114 37.06 4.65 -5.05
C ARG B 114 36.38 4.12 -6.31
N PRO B 115 36.68 4.73 -7.48
CA PRO B 115 36.07 4.26 -8.72
C PRO B 115 36.25 2.76 -8.96
N ILE B 116 37.36 2.21 -8.49
CA ILE B 116 37.61 0.79 -8.70
C ILE B 116 36.52 -0.11 -8.16
N ILE B 117 35.92 0.28 -7.03
CA ILE B 117 34.85 -0.52 -6.47
C ILE B 117 33.69 -0.60 -7.45
N LEU B 118 33.40 0.53 -8.11
CA LEU B 118 32.34 0.57 -9.10
C LEU B 118 32.75 -0.35 -10.26
N GLU B 119 34.01 -0.25 -10.65
CA GLU B 119 34.55 -1.06 -11.75
C GLU B 119 34.51 -2.56 -11.45
N ARG B 120 34.82 -2.93 -10.21
CA ARG B 120 34.83 -4.34 -9.85
C ARG B 120 33.42 -4.94 -9.82
N LEU B 121 32.47 -4.22 -9.21
CA LEU B 121 31.09 -4.72 -9.17
C LEU B 121 30.61 -4.85 -10.62
N ALA B 122 30.94 -3.87 -11.45
CA ALA B 122 30.54 -3.89 -12.85
C ALA B 122 31.16 -5.10 -13.55
N GLN B 123 32.42 -5.40 -13.20
CA GLN B 123 33.12 -6.53 -13.79
C GLN B 123 32.52 -7.86 -13.35
N TYR B 124 32.09 -7.94 -12.09
CA TYR B 124 31.49 -9.17 -11.60
C TYR B 124 30.21 -9.44 -12.39
N LEU B 125 29.45 -8.38 -12.65
CA LEU B 125 28.21 -8.48 -13.41
C LEU B 125 28.47 -8.84 -14.87
N ASN B 126 29.38 -8.11 -15.52
CA ASN B 126 29.71 -8.33 -16.93
C ASN B 126 30.44 -9.64 -17.20
N GLU B 127 31.09 -10.19 -16.20
CA GLU B 127 31.82 -11.44 -16.39
C GLU B 127 31.13 -12.65 -15.76
N GLY B 128 29.97 -12.43 -15.15
CA GLY B 128 29.23 -13.53 -14.58
C GLY B 128 29.70 -14.08 -13.25
N ILE B 129 30.33 -13.25 -12.43
CA ILE B 129 30.77 -13.67 -11.10
C ILE B 129 29.58 -13.33 -10.21
N THR B 130 28.86 -14.36 -9.78
CA THR B 130 27.67 -14.15 -8.96
C THR B 130 27.82 -14.55 -7.50
N PRO B 131 27.71 -13.57 -6.59
CA PRO B 131 27.82 -13.82 -5.15
C PRO B 131 26.79 -14.83 -4.66
N ALA B 132 27.19 -15.65 -3.69
CA ALA B 132 26.27 -16.62 -3.09
C ALA B 132 25.70 -15.79 -1.95
N ILE B 133 24.43 -15.40 -2.05
CA ILE B 133 23.80 -14.57 -1.03
C ILE B 133 22.69 -15.29 -0.27
N PRO B 134 22.86 -15.48 1.05
CA PRO B 134 21.83 -16.15 1.86
C PRO B 134 20.62 -15.21 1.89
N GLU B 135 19.41 -15.76 1.78
CA GLU B 135 18.19 -14.94 1.77
C GLU B 135 17.79 -14.30 3.10
N ILE B 136 18.25 -14.87 4.20
CA ILE B 136 17.88 -14.39 5.53
C ILE B 136 19.00 -13.77 6.36
N GLY B 137 18.68 -12.66 7.03
CA GLY B 137 19.64 -11.98 7.88
C GLY B 137 19.34 -10.49 7.99
N SER B 138 18.90 -9.91 6.87
CA SER B 138 18.58 -8.49 6.81
C SER B 138 17.43 -8.03 7.69
N LEU B 139 17.63 -6.90 8.38
CA LEU B 139 16.60 -6.29 9.22
C LEU B 139 16.04 -5.12 8.42
N GLY B 140 16.59 -4.94 7.23
CA GLY B 140 16.14 -3.88 6.35
C GLY B 140 16.37 -2.50 6.92
N ASP B 142 19.96 -3.90 4.66
CA ASP B 142 20.30 -5.27 4.22
C ASP B 142 21.77 -5.68 4.49
N LEU B 143 22.21 -5.51 5.74
CA LEU B 143 23.59 -5.80 6.13
C LEU B 143 24.16 -7.17 5.84
N ALA B 144 23.54 -8.22 6.38
CA ALA B 144 24.05 -9.57 6.16
C ALA B 144 24.19 -9.94 4.69
N PRO B 145 23.09 -9.87 3.91
CA PRO B 145 23.24 -10.24 2.50
C PRO B 145 24.23 -9.37 1.71
N LEU B 146 24.26 -8.07 1.99
CA LEU B 146 25.19 -7.22 1.28
C LEU B 146 26.62 -7.47 1.75
N SER B 147 26.77 -7.99 2.97
CA SER B 147 28.10 -8.30 3.49
C SER B 147 28.63 -9.54 2.77
N HIS B 148 27.73 -10.46 2.39
CA HIS B 148 28.17 -11.64 1.66
C HIS B 148 28.62 -11.23 0.28
N VAL B 149 28.04 -10.16 -0.25
CA VAL B 149 28.44 -9.67 -1.56
C VAL B 149 29.79 -8.98 -1.42
N ALA B 150 29.89 -8.11 -0.41
CA ALA B 150 31.13 -7.39 -0.14
C ALA B 150 32.28 -8.37 0.01
N SER B 151 32.03 -9.49 0.68
CA SER B 151 33.06 -10.50 0.89
C SER B 151 33.69 -10.97 -0.42
N THR B 152 32.88 -11.22 -1.44
CA THR B 152 33.38 -11.68 -2.73
C THR B 152 34.32 -10.71 -3.43
N LEU B 153 34.23 -9.41 -3.09
CA LEU B 153 35.09 -8.41 -3.71
C LEU B 153 36.49 -8.50 -3.12
N ILE B 154 36.59 -8.95 -1.86
CA ILE B 154 37.90 -9.08 -1.23
C ILE B 154 38.41 -10.52 -1.28
N GLY B 155 37.76 -11.35 -2.09
CA GLY B 155 38.20 -12.73 -2.25
C GLY B 155 37.84 -13.66 -1.11
N GLU B 156 36.74 -13.37 -0.45
CA GLU B 156 36.26 -14.17 0.66
C GLU B 156 34.82 -14.55 0.39
N GLY B 157 34.18 -15.22 1.34
CA GLY B 157 32.80 -15.62 1.11
C GLY B 157 32.70 -16.62 -0.03
N TYR B 158 31.55 -16.66 -0.67
CA TYR B 158 31.34 -17.60 -1.77
C TYR B 158 30.66 -17.00 -3.00
N VAL B 159 30.84 -17.71 -4.11
CA VAL B 159 30.26 -17.34 -5.39
C VAL B 159 29.33 -18.49 -5.78
N LEU B 160 28.23 -18.14 -6.45
CA LEU B 160 27.25 -19.13 -6.85
C LEU B 160 27.63 -19.81 -8.17
N ARG B 161 27.45 -21.12 -8.19
CA ARG B 161 27.73 -21.93 -9.37
C ARG B 161 26.83 -23.15 -9.36
N ASP B 162 25.94 -23.23 -10.35
CA ASP B 162 25.02 -24.36 -10.45
C ASP B 162 24.19 -24.49 -9.18
N GLY B 163 23.81 -23.36 -8.60
CA GLY B 163 23.03 -23.39 -7.39
C GLY B 163 23.84 -23.73 -6.17
N ARG B 164 25.14 -23.99 -6.39
CA ARG B 164 26.04 -24.33 -5.30
C ARG B 164 27.06 -23.24 -5.04
N PRO B 165 27.42 -23.03 -3.77
CA PRO B 165 28.41 -22.01 -3.41
C PRO B 165 29.84 -22.54 -3.54
N VAL B 166 30.72 -21.70 -4.06
CA VAL B 166 32.13 -22.05 -4.24
C VAL B 166 33.00 -20.93 -3.68
N GLU B 167 34.02 -21.29 -2.91
CA GLU B 167 34.91 -20.30 -2.31
C GLU B 167 35.35 -19.29 -3.38
N THR B 168 35.18 -18.02 -3.05
CA THR B 168 35.51 -16.92 -3.94
C THR B 168 36.98 -16.90 -4.39
N ALA B 169 37.90 -17.07 -3.43
CA ALA B 169 39.33 -17.05 -3.75
C ALA B 169 39.66 -17.93 -4.94
N GLN B 170 39.12 -19.13 -4.95
CA GLN B 170 39.35 -20.05 -6.05
C GLN B 170 38.84 -19.50 -7.37
N VAL B 171 37.58 -19.06 -7.37
CA VAL B 171 36.96 -18.51 -8.58
C VAL B 171 37.76 -17.37 -9.16
N LEU B 172 38.22 -16.45 -8.31
CA LEU B 172 39.00 -15.32 -8.77
C LEU B 172 40.35 -15.78 -9.29
N ALA B 173 40.97 -16.73 -8.58
CA ALA B 173 42.26 -17.27 -8.99
C ALA B 173 42.12 -17.87 -10.38
N GLU B 174 41.00 -18.55 -10.61
CA GLU B 174 40.72 -19.17 -11.89
C GLU B 174 40.51 -18.14 -13.00
N ARG B 175 39.70 -17.13 -12.72
CA ARG B 175 39.42 -16.08 -13.70
C ARG B 175 40.53 -15.05 -13.81
N GLY B 176 41.54 -15.19 -12.97
CA GLY B 176 42.67 -14.27 -13.00
C GLY B 176 42.31 -12.86 -12.57
N ILE B 177 41.85 -12.72 -11.34
CA ILE B 177 41.47 -11.43 -10.78
C ILE B 177 42.09 -11.27 -9.40
N GLU B 178 42.69 -10.12 -9.17
CA GLU B 178 43.32 -9.85 -7.88
C GLU B 178 42.27 -9.21 -6.96
N PRO B 179 41.92 -9.88 -5.86
CA PRO B 179 40.93 -9.34 -4.94
C PRO B 179 41.27 -7.91 -4.56
N LEU B 180 40.27 -7.14 -4.15
CA LEU B 180 40.50 -5.76 -3.74
C LEU B 180 40.79 -5.71 -2.26
N GLU B 181 41.22 -4.55 -1.79
CA GLU B 181 41.52 -4.31 -0.39
C GLU B 181 40.63 -3.13 -0.04
N LEU B 182 39.76 -3.30 0.95
CA LEU B 182 38.85 -2.23 1.33
C LEU B 182 39.52 -1.05 2.02
N ARG B 183 39.32 0.14 1.45
CA ARG B 183 39.88 1.37 2.00
C ARG B 183 38.80 2.15 2.77
N PHE B 184 39.17 3.28 3.36
CA PHE B 184 38.23 4.10 4.12
C PHE B 184 36.79 4.06 3.60
N LYS B 185 35.86 3.65 4.47
CA LYS B 185 34.43 3.64 4.13
C LYS B 185 33.92 2.66 3.07
N GLU B 186 34.81 2.02 2.32
CA GLU B 186 34.39 1.10 1.27
C GLU B 186 33.66 -0.15 1.76
N GLY B 187 34.05 -0.67 2.92
CA GLY B 187 33.38 -1.85 3.43
C GLY B 187 31.95 -1.50 3.80
N LEU B 188 31.81 -0.38 4.51
CA LEU B 188 30.52 0.12 4.95
C LEU B 188 29.62 0.52 3.78
N ALA B 189 30.20 1.23 2.81
CA ALA B 189 29.43 1.68 1.66
C ALA B 189 28.76 0.53 0.93
N LEU B 190 29.50 -0.57 0.79
CA LEU B 190 29.00 -1.76 0.11
C LEU B 190 27.81 -2.45 0.78
N ILE B 191 27.78 -2.43 2.11
CA ILE B 191 26.73 -3.13 2.85
C ILE B 191 25.67 -2.27 3.53
N ASN B 192 25.86 -0.96 3.59
CA ASN B 192 24.91 -0.09 4.29
C ASN B 192 23.77 0.50 3.48
N GLY B 193 22.98 -0.36 2.82
CA GLY B 193 21.87 0.11 2.00
C GLY B 193 20.71 -0.86 1.83
N THR B 194 19.79 -0.51 0.94
CA THR B 194 18.59 -1.30 0.68
C THR B 194 18.64 -2.10 -0.62
N SER B 195 19.84 -2.28 -1.15
CA SER B 195 20.00 -3.00 -2.42
C SER B 195 19.45 -4.43 -2.44
N GLY B 196 19.37 -5.07 -1.26
CA GLY B 196 18.81 -6.41 -1.21
C GLY B 196 17.32 -6.38 -1.55
N MET B 197 16.56 -5.58 -0.80
CA MET B 197 15.11 -5.47 -1.02
C MET B 197 14.77 -4.70 -2.29
N THR B 198 15.61 -3.74 -2.65
CA THR B 198 15.37 -2.94 -3.85
C THR B 198 15.70 -3.77 -5.10
N GLY B 199 16.77 -4.55 -5.03
CA GLY B 199 17.13 -5.39 -6.16
C GLY B 199 16.06 -6.45 -6.38
N LEU B 200 15.78 -7.21 -5.33
CA LEU B 200 14.76 -8.25 -5.38
C LEU B 200 13.38 -7.67 -5.71
N GLY B 201 13.05 -6.57 -5.06
CA GLY B 201 11.78 -5.91 -5.28
C GLY B 201 11.60 -5.46 -6.72
N SER B 202 12.69 -5.03 -7.35
CA SER B 202 12.59 -4.62 -8.75
C SER B 202 12.15 -5.80 -9.61
N LEU B 203 12.80 -6.95 -9.44
CA LEU B 203 12.44 -8.14 -10.21
C LEU B 203 10.98 -8.50 -9.96
N VAL B 204 10.60 -8.57 -8.69
CA VAL B 204 9.23 -8.92 -8.31
C VAL B 204 8.18 -8.00 -8.94
N VAL B 205 8.37 -6.70 -8.78
CA VAL B 205 7.40 -5.73 -9.31
C VAL B 205 7.32 -5.79 -10.85
N GLY B 206 8.48 -5.92 -11.49
CA GLY B 206 8.49 -5.99 -12.94
C GLY B 206 7.70 -7.20 -13.42
N ARG B 207 7.87 -8.31 -12.72
CA ARG B 207 7.18 -9.56 -13.07
C ARG B 207 5.71 -9.49 -12.67
N ALA B 208 5.42 -8.79 -11.58
CA ALA B 208 4.05 -8.65 -11.08
C ALA B 208 3.21 -7.95 -12.14
N LEU B 209 3.80 -6.98 -12.84
CA LEU B 209 3.07 -6.26 -13.86
C LEU B 209 2.80 -7.20 -15.04
N GLU B 210 3.76 -8.05 -15.36
CA GLU B 210 3.56 -9.02 -16.45
C GLU B 210 2.50 -10.02 -16.00
N GLN B 211 2.44 -10.30 -14.69
CA GLN B 211 1.45 -11.25 -14.18
C GLN B 211 0.03 -10.67 -14.30
N ALA B 212 -0.09 -9.36 -14.07
CA ALA B 212 -1.38 -8.69 -14.22
C ALA B 212 -1.80 -8.82 -15.69
N GLN B 213 -0.85 -8.63 -16.59
CA GLN B 213 -1.14 -8.74 -18.01
C GLN B 213 -1.59 -10.16 -18.36
N GLN B 214 -0.90 -11.15 -17.83
CA GLN B 214 -1.27 -12.52 -18.15
C GLN B 214 -2.59 -12.95 -17.50
N ALA B 215 -2.98 -12.26 -16.43
CA ALA B 215 -4.26 -12.54 -15.77
C ALA B 215 -5.35 -11.97 -16.69
N GLU B 216 -5.08 -10.80 -17.27
CA GLU B 216 -6.01 -10.15 -18.17
C GLU B 216 -6.15 -11.03 -19.44
N ILE B 217 -5.04 -11.62 -19.85
CA ILE B 217 -5.04 -12.48 -21.04
C ILE B 217 -5.93 -13.71 -20.90
N VAL B 218 -5.84 -14.43 -19.79
CA VAL B 218 -6.69 -15.62 -19.60
C VAL B 218 -8.13 -15.24 -19.38
N THR B 219 -8.33 -14.17 -18.61
CA THR B 219 -9.67 -13.70 -18.29
C THR B 219 -10.40 -13.39 -19.60
N ALA B 220 -9.70 -12.74 -20.52
CA ALA B 220 -10.28 -12.40 -21.82
C ALA B 220 -10.68 -13.69 -22.55
N LEU B 221 -9.81 -14.69 -22.50
CA LEU B 221 -10.09 -15.97 -23.16
C LEU B 221 -11.28 -16.66 -22.51
N LEU B 222 -11.32 -16.63 -21.18
CA LEU B 222 -12.41 -17.24 -20.44
C LEU B 222 -13.74 -16.57 -20.80
N ILE B 223 -13.74 -15.24 -20.79
CA ILE B 223 -14.93 -14.47 -21.12
C ILE B 223 -15.48 -14.82 -22.51
N GLU B 224 -14.59 -15.02 -23.46
CA GLU B 224 -15.01 -15.36 -24.81
C GLU B 224 -15.53 -16.80 -24.83
N ALA B 225 -14.86 -17.68 -24.09
CA ALA B 225 -15.25 -19.09 -24.02
C ALA B 225 -16.64 -19.28 -23.42
N VAL B 226 -17.03 -18.42 -22.49
CA VAL B 226 -18.35 -18.55 -21.87
C VAL B 226 -19.29 -17.45 -22.37
N ARG B 227 -18.89 -16.81 -23.47
CA ARG B 227 -19.68 -15.75 -24.10
C ARG B 227 -20.20 -14.70 -23.13
N GLY B 228 -19.31 -14.12 -22.33
CA GLY B 228 -19.74 -13.10 -21.39
C GLY B 228 -20.01 -11.78 -22.09
N SER B 229 -20.56 -10.81 -21.37
CA SER B 229 -20.88 -9.50 -21.91
C SER B 229 -19.65 -8.59 -21.96
N THR B 230 -19.66 -7.59 -22.85
CA THR B 230 -18.54 -6.67 -22.97
C THR B 230 -18.85 -5.32 -22.32
N SER B 231 -20.09 -5.15 -21.86
CA SER B 231 -20.50 -3.90 -21.24
C SER B 231 -19.61 -3.45 -20.07
N PRO B 232 -19.07 -4.40 -19.28
CA PRO B 232 -18.21 -4.01 -18.15
C PRO B 232 -16.91 -3.29 -18.52
N PHE B 233 -16.44 -3.50 -19.75
CA PHE B 233 -15.17 -2.92 -20.18
C PHE B 233 -15.29 -1.64 -21.01
N LEU B 234 -16.53 -1.15 -21.17
CA LEU B 234 -16.77 0.07 -21.94
C LEU B 234 -16.02 1.26 -21.32
N ALA B 235 -15.27 1.98 -22.14
CA ALA B 235 -14.47 3.12 -21.69
C ALA B 235 -15.15 4.14 -20.79
N GLU B 236 -16.38 4.53 -21.11
CA GLU B 236 -17.07 5.53 -20.29
C GLU B 236 -17.28 5.13 -18.84
N GLY B 237 -17.26 3.83 -18.56
CA GLY B 237 -17.44 3.39 -17.19
C GLY B 237 -16.19 3.58 -16.36
N HIS B 238 -15.07 3.84 -17.02
CA HIS B 238 -13.81 4.04 -16.30
C HIS B 238 -13.21 5.40 -16.61
N ASP B 239 -12.83 5.62 -17.88
CA ASP B 239 -12.24 6.88 -18.30
C ASP B 239 -13.06 8.07 -17.83
N ILE B 240 -14.39 7.90 -17.84
CA ILE B 240 -15.30 8.96 -17.41
C ILE B 240 -15.83 8.80 -15.99
N ALA B 241 -16.55 7.71 -15.75
CA ALA B 241 -17.17 7.45 -14.45
C ALA B 241 -16.25 7.24 -13.24
N ARG B 242 -15.21 6.43 -13.38
CA ARG B 242 -14.31 6.11 -12.25
C ARG B 242 -12.88 6.01 -12.76
N PRO B 243 -12.24 7.16 -13.05
CA PRO B 243 -10.88 7.24 -13.57
C PRO B 243 -9.65 6.84 -12.73
N HIS B 244 -9.67 5.64 -12.14
CA HIS B 244 -8.49 5.19 -11.41
C HIS B 244 -7.58 4.71 -12.53
N GLU B 245 -6.33 5.13 -12.53
CA GLU B 245 -5.40 4.77 -13.59
C GLU B 245 -5.34 3.29 -13.95
N GLY B 246 -5.08 2.44 -12.96
CA GLY B 246 -5.00 1.02 -13.22
C GLY B 246 -6.30 0.46 -13.79
N GLN B 247 -7.43 0.99 -13.33
CA GLN B 247 -8.73 0.51 -13.79
C GLN B 247 -8.91 0.80 -15.28
N ILE B 248 -8.59 2.04 -15.66
CA ILE B 248 -8.67 2.45 -17.05
C ILE B 248 -7.79 1.53 -17.91
N ASP B 249 -6.58 1.26 -17.46
CA ASP B 249 -5.66 0.42 -18.21
C ASP B 249 -6.18 -1.01 -18.40
N THR B 250 -6.68 -1.62 -17.32
CA THR B 250 -7.20 -2.97 -17.41
C THR B 250 -8.36 -3.03 -18.42
N ALA B 251 -9.31 -2.10 -18.30
CA ALA B 251 -10.46 -2.05 -19.21
C ALA B 251 -9.95 -1.91 -20.64
N ALA B 252 -9.01 -0.98 -20.85
CA ALA B 252 -8.44 -0.75 -22.17
C ALA B 252 -7.80 -2.05 -22.71
N ASN B 253 -7.06 -2.76 -21.86
CA ASN B 253 -6.44 -4.02 -22.28
C ASN B 253 -7.47 -5.10 -22.63
N MET B 254 -8.51 -5.23 -21.82
CA MET B 254 -9.55 -6.23 -22.06
C MET B 254 -10.29 -5.94 -23.36
N ARG B 255 -10.49 -4.65 -23.62
CA ARG B 255 -11.16 -4.18 -24.83
C ARG B 255 -10.34 -4.63 -26.05
N ALA B 256 -9.02 -4.41 -25.98
CA ALA B 256 -8.14 -4.80 -27.07
C ALA B 256 -8.01 -6.31 -27.23
N LEU B 257 -8.02 -7.03 -26.11
CA LEU B 257 -7.89 -8.47 -26.15
C LEU B 257 -9.09 -9.19 -26.78
N MET B 258 -10.28 -8.69 -26.51
CA MET B 258 -11.48 -9.33 -27.03
C MET B 258 -11.96 -8.74 -28.35
N ARG B 259 -11.23 -7.76 -28.86
CA ARG B 259 -11.59 -7.13 -30.13
C ARG B 259 -11.58 -8.18 -31.24
N GLY B 260 -12.69 -8.24 -31.99
CA GLY B 260 -12.77 -9.20 -33.07
C GLY B 260 -13.32 -10.54 -32.66
N SER B 261 -13.98 -10.59 -31.50
CA SER B 261 -14.57 -11.85 -31.03
C SER B 261 -15.98 -12.03 -31.56
N GLY B 262 -16.32 -13.29 -31.85
CA GLY B 262 -17.65 -13.60 -32.34
C GLY B 262 -18.44 -14.28 -31.24
N LEU B 263 -17.79 -14.48 -30.10
CA LEU B 263 -18.41 -15.13 -28.96
C LEU B 263 -18.98 -14.18 -27.92
N THR B 264 -18.29 -13.07 -27.67
CA THR B 264 -18.75 -12.10 -26.68
C THR B 264 -20.09 -11.50 -27.08
N VAL B 265 -20.87 -11.08 -26.09
CA VAL B 265 -22.17 -10.48 -26.36
C VAL B 265 -22.23 -9.06 -25.82
N GLU B 266 -22.93 -8.20 -26.54
CA GLU B 266 -23.07 -6.80 -26.14
C GLU B 266 -24.32 -6.67 -25.28
N HIS B 267 -24.31 -5.71 -24.36
CA HIS B 267 -25.47 -5.50 -23.49
C HIS B 267 -26.75 -5.30 -24.31
N ALA B 268 -26.62 -4.63 -25.45
CA ALA B 268 -27.77 -4.39 -26.32
C ALA B 268 -28.41 -5.72 -26.72
N ASP B 269 -27.57 -6.73 -26.96
CA ASP B 269 -28.05 -8.05 -27.34
C ASP B 269 -28.73 -8.72 -26.16
N LEU B 270 -28.07 -8.70 -25.01
CA LEU B 270 -28.62 -9.33 -23.81
C LEU B 270 -30.00 -8.81 -23.45
N ARG B 271 -30.18 -7.48 -23.49
CA ARG B 271 -31.48 -6.91 -23.15
C ARG B 271 -32.52 -7.23 -24.22
N ARG B 272 -32.11 -7.28 -25.49
CA ARG B 272 -33.03 -7.59 -26.58
C ARG B 272 -33.48 -9.05 -26.48
N GLU B 273 -32.57 -9.91 -26.05
CA GLU B 273 -32.88 -11.33 -25.90
C GLU B 273 -33.83 -11.51 -24.72
N LEU B 274 -33.66 -10.69 -23.69
CA LEU B 274 -34.52 -10.74 -22.52
C LEU B 274 -35.88 -10.13 -22.86
N GLN B 275 -35.84 -9.01 -23.60
CA GLN B 275 -37.07 -8.34 -24.01
C GLN B 275 -37.97 -9.33 -24.74
N LYS B 276 -37.35 -10.16 -25.57
CA LYS B 276 -38.08 -11.15 -26.34
C LYS B 276 -38.48 -12.36 -25.50
N ASP B 277 -37.62 -12.76 -24.58
CA ASP B 277 -37.90 -13.91 -23.72
C ASP B 277 -39.06 -13.61 -22.78
N LYS B 278 -39.27 -12.33 -22.50
CA LYS B 278 -40.35 -11.90 -21.63
C LYS B 278 -41.62 -11.76 -22.46
N GLU B 279 -42.76 -12.08 -21.89
CA GLU B 279 -44.03 -11.96 -22.59
C GLU B 279 -45.08 -11.29 -21.72
N ALA B 280 -44.82 -10.04 -21.39
CA ALA B 280 -45.68 -9.20 -20.55
C ALA B 280 -47.11 -9.69 -20.34
N GLY B 281 -47.25 -10.78 -19.58
CA GLY B 281 -48.57 -11.31 -19.30
C GLY B 281 -48.88 -10.85 -17.89
N LYS B 282 -47.89 -10.99 -17.01
CA LYS B 282 -47.99 -10.57 -15.62
C LYS B 282 -46.72 -9.81 -15.22
N ASP B 283 -46.69 -9.37 -13.97
CA ASP B 283 -45.57 -8.57 -13.46
C ASP B 283 -44.20 -9.23 -13.24
N VAL B 284 -44.17 -10.38 -12.57
CA VAL B 284 -42.89 -11.05 -12.31
C VAL B 284 -42.73 -12.39 -13.02
N GLN B 285 -41.60 -12.55 -13.72
CA GLN B 285 -41.33 -13.78 -14.46
C GLN B 285 -39.85 -14.17 -14.40
N ARG B 286 -39.61 -15.48 -14.42
CA ARG B 286 -38.25 -16.03 -14.37
C ARG B 286 -37.65 -16.12 -15.77
N SER B 287 -36.33 -16.05 -15.83
CA SER B 287 -35.61 -16.14 -17.09
C SER B 287 -34.30 -16.90 -16.82
N GLU B 288 -33.74 -17.49 -17.87
CA GLU B 288 -32.48 -18.22 -17.74
C GLU B 288 -31.36 -17.27 -18.14
N ILE B 289 -31.75 -16.16 -18.75
CA ILE B 289 -30.80 -15.15 -19.22
C ILE B 289 -30.34 -14.18 -18.13
N TYR B 290 -29.03 -14.01 -18.03
CA TYR B 290 -28.44 -13.10 -17.05
C TYR B 290 -27.98 -11.86 -17.80
N LEU B 291 -28.59 -10.73 -17.48
CA LEU B 291 -28.25 -9.46 -18.12
C LEU B 291 -26.83 -9.06 -17.74
N GLN B 292 -26.41 -9.49 -16.55
CA GLN B 292 -25.08 -9.23 -16.02
C GLN B 292 -24.49 -10.54 -15.51
N LYS B 293 -23.17 -10.65 -15.53
CA LYS B 293 -22.51 -11.86 -15.06
C LYS B 293 -21.94 -11.62 -13.67
N ALA B 294 -21.46 -12.67 -13.02
CA ALA B 294 -20.91 -12.57 -11.68
C ALA B 294 -19.72 -11.62 -11.64
N TYR B 295 -19.36 -11.19 -10.44
CA TYR B 295 -18.26 -10.27 -10.23
C TYR B 295 -16.95 -10.75 -10.86
N SER B 296 -16.66 -12.04 -10.75
CA SER B 296 -15.42 -12.57 -11.29
C SER B 296 -15.26 -12.37 -12.80
N LEU B 297 -16.35 -11.97 -13.47
CA LEU B 297 -16.32 -11.73 -14.91
C LEU B 297 -16.83 -10.34 -15.26
N ARG B 298 -17.04 -9.51 -14.24
CA ARG B 298 -17.56 -8.17 -14.44
C ARG B 298 -16.76 -7.10 -13.70
N ALA B 299 -16.18 -7.47 -12.56
CA ALA B 299 -15.39 -6.55 -11.75
C ALA B 299 -13.90 -6.62 -12.05
N ILE B 300 -13.56 -7.14 -13.23
CA ILE B 300 -12.17 -7.28 -13.62
C ILE B 300 -11.40 -5.96 -13.65
N PRO B 301 -11.95 -4.92 -14.30
CA PRO B 301 -11.23 -3.64 -14.33
C PRO B 301 -11.00 -3.06 -12.93
N GLN B 302 -12.02 -3.17 -12.08
CA GLN B 302 -11.93 -2.64 -10.72
C GLN B 302 -10.93 -3.35 -9.84
N VAL B 303 -10.89 -4.68 -9.94
CA VAL B 303 -9.98 -5.48 -9.13
C VAL B 303 -8.56 -5.54 -9.68
N VAL B 304 -8.40 -5.89 -10.96
CA VAL B 304 -7.06 -5.93 -11.51
C VAL B 304 -6.54 -4.50 -11.61
N GLY B 305 -7.44 -3.55 -11.79
CA GLY B 305 -7.05 -2.16 -11.86
C GLY B 305 -6.41 -1.73 -10.54
N ALA B 306 -7.04 -2.11 -9.42
CA ALA B 306 -6.52 -1.77 -8.10
C ALA B 306 -5.14 -2.38 -7.86
N VAL B 307 -4.96 -3.60 -8.37
CA VAL B 307 -3.67 -4.30 -8.28
C VAL B 307 -2.64 -3.50 -9.08
N ARG B 308 -3.02 -3.07 -10.27
CA ARG B 308 -2.12 -2.27 -11.11
C ARG B 308 -1.71 -0.99 -10.39
N ASP B 309 -2.68 -0.29 -9.80
CA ASP B 309 -2.40 0.94 -9.08
C ASP B 309 -1.33 0.69 -8.03
N THR B 310 -1.47 -0.39 -7.28
CA THR B 310 -0.52 -0.74 -6.24
C THR B 310 0.86 -1.03 -6.84
N LEU B 311 0.89 -1.77 -7.95
CA LEU B 311 2.15 -2.08 -8.61
C LEU B 311 2.82 -0.82 -9.18
N TYR B 312 2.02 0.11 -9.70
CA TYR B 312 2.58 1.36 -10.25
C TYR B 312 3.26 2.16 -9.15
N HIS B 313 2.64 2.20 -7.97
CA HIS B 313 3.17 2.94 -6.84
C HIS B 313 4.48 2.30 -6.41
N ALA B 314 4.48 0.97 -6.29
CA ALA B 314 5.67 0.24 -5.88
C ALA B 314 6.81 0.46 -6.87
N ARG B 315 6.49 0.43 -8.17
CA ARG B 315 7.51 0.61 -9.19
C ARG B 315 8.09 2.01 -9.09
N HIS B 316 7.22 2.99 -8.85
CA HIS B 316 7.64 4.37 -8.71
C HIS B 316 8.60 4.52 -7.52
N LYS B 317 8.24 3.90 -6.39
CA LYS B 317 9.07 3.97 -5.19
C LYS B 317 10.43 3.32 -5.42
N LEU B 318 10.42 2.21 -6.16
CA LEU B 318 11.62 1.46 -6.47
C LEU B 318 12.51 2.23 -7.42
N ARG B 319 11.91 2.97 -8.33
CA ARG B 319 12.68 3.76 -9.28
C ARG B 319 13.44 4.85 -8.51
N ILE B 320 12.74 5.51 -7.58
CA ILE B 320 13.37 6.55 -6.77
C ILE B 320 14.49 5.96 -5.92
N GLU B 321 14.22 4.81 -5.32
CA GLU B 321 15.19 4.12 -4.46
C GLU B 321 16.43 3.67 -5.20
N LEU B 322 16.24 3.05 -6.38
CA LEU B 322 17.39 2.59 -7.17
C LEU B 322 18.38 3.73 -7.45
N ASN B 323 17.85 4.90 -7.74
CA ASN B 323 18.67 6.07 -8.06
C ASN B 323 18.85 6.97 -6.86
N SER B 324 19.05 6.35 -5.70
CA SER B 324 19.21 7.11 -4.49
C SER B 324 20.53 6.72 -3.84
N ALA B 325 21.02 7.58 -2.96
CA ALA B 325 22.25 7.31 -2.24
C ALA B 325 21.80 6.68 -0.93
N ASN B 326 21.34 5.44 -0.99
CA ASN B 326 20.90 4.74 0.22
C ASN B 326 22.15 4.15 0.84
N ASP B 327 22.87 5.02 1.55
CA ASP B 327 24.13 4.69 2.20
C ASP B 327 24.32 5.72 3.31
N ASN B 328 25.29 5.50 4.19
CA ASN B 328 25.56 6.43 5.29
C ASN B 328 26.95 6.16 5.88
N PRO B 329 27.70 7.22 6.19
CA PRO B 329 27.37 8.64 6.04
C PRO B 329 27.51 9.01 4.56
N LEU B 330 27.12 10.22 4.19
CA LEU B 330 27.21 10.63 2.79
C LEU B 330 28.04 11.90 2.56
N PHE B 331 28.75 11.92 1.43
CA PHE B 331 29.56 13.06 1.10
C PHE B 331 28.86 14.02 0.13
N PHE B 332 28.88 15.29 0.50
CA PHE B 332 28.29 16.37 -0.29
C PHE B 332 29.37 17.45 -0.29
N GLU B 333 29.99 17.67 -1.45
CA GLU B 333 31.05 18.65 -1.58
C GLU B 333 30.72 19.99 -0.94
N GLY B 334 31.71 20.56 -0.23
CA GLY B 334 31.52 21.83 0.42
C GLY B 334 30.64 21.76 1.65
N LYS B 335 30.26 20.55 2.05
CA LYS B 335 29.41 20.39 3.23
C LYS B 335 29.96 19.39 4.23
N GLU B 336 29.41 19.45 5.43
CA GLU B 336 29.80 18.55 6.51
C GLU B 336 29.33 17.15 6.08
N ILE B 337 30.01 16.10 6.54
CA ILE B 337 29.62 14.74 6.18
C ILE B 337 28.19 14.51 6.70
N PHE B 338 27.32 13.98 5.85
CA PHE B 338 25.93 13.72 6.23
C PHE B 338 25.78 12.45 7.05
N HIS B 339 25.30 12.58 8.28
CA HIS B 339 25.09 11.43 9.13
C HIS B 339 23.60 11.27 9.37
N GLY B 340 22.99 10.40 8.56
CA GLY B 340 21.57 10.19 8.66
C GLY B 340 21.19 8.73 8.68
N ALA B 341 20.12 8.38 7.96
CA ALA B 341 19.62 7.03 7.92
C ALA B 341 19.03 6.67 6.56
N ASN B 342 19.76 6.96 5.48
CA ASN B 342 19.25 6.66 4.15
C ASN B 342 19.30 5.18 3.82
N PHE B 343 19.84 4.39 4.74
CA PHE B 343 19.95 2.94 4.59
C PHE B 343 18.64 2.30 5.06
N HIS B 344 17.78 3.10 5.71
CA HIS B 344 16.52 2.57 6.23
C HIS B 344 15.54 2.27 5.11
N GLY B 345 15.21 0.99 4.96
CA GLY B 345 14.31 0.58 3.89
C GLY B 345 12.82 0.74 4.04
N GLN B 346 12.34 1.52 5.02
CA GLN B 346 10.90 1.67 5.18
C GLN B 346 10.11 1.95 3.90
N PRO B 347 10.64 2.81 3.01
CA PRO B 347 9.84 3.06 1.79
C PRO B 347 9.60 1.83 0.92
N ILE B 348 10.59 0.95 0.81
CA ILE B 348 10.44 -0.25 0.00
C ILE B 348 9.73 -1.34 0.79
N ALA B 349 10.00 -1.41 2.09
CA ALA B 349 9.36 -2.40 2.96
C ALA B 349 7.84 -2.23 2.83
N PHE B 350 7.38 -0.99 2.93
CA PHE B 350 5.95 -0.70 2.80
C PHE B 350 5.49 -1.10 1.40
N ALA B 351 6.21 -0.61 0.40
CA ALA B 351 5.88 -0.88 -0.99
C ALA B 351 5.70 -2.37 -1.29
N MET B 352 6.64 -3.20 -0.87
CA MET B 352 6.55 -4.64 -1.13
C MET B 352 5.42 -5.33 -0.31
N ASP B 353 5.16 -4.88 0.91
CA ASP B 353 4.05 -5.44 1.70
C ASP B 353 2.73 -5.20 0.95
N PHE B 354 2.61 -4.04 0.30
CA PHE B 354 1.39 -3.72 -0.44
C PHE B 354 1.28 -4.59 -1.70
N VAL B 355 2.43 -4.87 -2.33
CA VAL B 355 2.47 -5.72 -3.51
C VAL B 355 2.02 -7.12 -3.08
N THR B 356 2.46 -7.55 -1.91
CA THR B 356 2.06 -8.88 -1.41
C THR B 356 0.54 -8.93 -1.31
N ILE B 357 -0.05 -7.89 -0.75
CA ILE B 357 -1.48 -7.82 -0.57
C ILE B 357 -2.22 -7.78 -1.92
N ALA B 358 -1.75 -6.92 -2.81
CA ALA B 358 -2.36 -6.79 -4.13
C ALA B 358 -2.33 -8.09 -4.93
N LEU B 359 -1.19 -8.76 -4.97
CA LEU B 359 -1.09 -10.02 -5.71
C LEU B 359 -1.94 -11.13 -5.11
N THR B 360 -2.10 -11.13 -3.80
CA THR B 360 -2.93 -12.14 -3.15
C THR B 360 -4.34 -12.05 -3.75
N GLN B 361 -4.85 -10.82 -3.85
CA GLN B 361 -6.18 -10.60 -4.40
C GLN B 361 -6.23 -10.94 -5.90
N LEU B 362 -5.13 -10.75 -6.61
CA LEU B 362 -5.12 -11.10 -8.04
C LEU B 362 -5.39 -12.60 -8.13
N GLY B 363 -4.78 -13.35 -7.23
CA GLY B 363 -4.95 -14.80 -7.18
C GLY B 363 -6.36 -15.19 -6.75
N VAL B 364 -6.91 -14.46 -5.79
CA VAL B 364 -8.27 -14.72 -5.30
C VAL B 364 -9.24 -14.66 -6.47
N LEU B 365 -9.08 -13.64 -7.29
CA LEU B 365 -9.93 -13.44 -8.47
C LEU B 365 -9.77 -14.60 -9.47
N ALA B 366 -8.52 -14.95 -9.78
CA ALA B 366 -8.28 -16.04 -10.72
C ALA B 366 -8.88 -17.36 -10.20
N GLU B 367 -8.71 -17.65 -8.93
CA GLU B 367 -9.24 -18.89 -8.36
C GLU B 367 -10.76 -18.94 -8.44
N ARG B 368 -11.44 -17.82 -8.25
CA ARG B 368 -12.90 -17.82 -8.35
C ARG B 368 -13.36 -17.95 -9.80
N GLN B 369 -12.52 -17.52 -10.75
CA GLN B 369 -12.86 -17.63 -12.17
C GLN B 369 -12.75 -19.11 -12.58
N ILE B 370 -11.84 -19.83 -11.94
CA ILE B 370 -11.66 -21.25 -12.21
C ILE B 370 -12.91 -21.96 -11.66
N ASN B 371 -13.30 -21.59 -10.44
CA ASN B 371 -14.48 -22.18 -9.80
C ASN B 371 -15.71 -21.98 -10.67
N ARG B 372 -15.75 -20.84 -11.34
CA ARG B 372 -16.85 -20.44 -12.21
C ARG B 372 -17.07 -21.40 -13.37
N VAL B 373 -16.00 -21.74 -14.08
CA VAL B 373 -16.12 -22.62 -15.23
C VAL B 373 -16.22 -24.10 -14.87
N LEU B 374 -15.80 -24.46 -13.67
CA LEU B 374 -15.87 -25.86 -13.27
C LEU B 374 -17.24 -26.20 -12.68
N ASN B 375 -17.92 -25.19 -12.12
CA ASN B 375 -19.23 -25.39 -11.52
C ASN B 375 -20.32 -25.30 -12.60
N ARG B 376 -20.99 -26.43 -12.86
CA ARG B 376 -22.03 -26.46 -13.87
C ARG B 376 -23.15 -25.44 -13.64
N HIS B 377 -23.41 -25.14 -12.37
CA HIS B 377 -24.45 -24.17 -12.01
C HIS B 377 -24.06 -22.75 -12.38
N LEU B 378 -22.76 -22.53 -12.59
CA LEU B 378 -22.25 -21.20 -12.90
C LEU B 378 -21.55 -21.05 -14.26
N SER B 379 -21.15 -22.17 -14.86
CA SER B 379 -20.43 -22.17 -16.12
C SER B 379 -21.19 -21.75 -17.38
N TYR B 380 -22.51 -21.75 -17.32
CA TYR B 380 -23.32 -21.37 -18.48
C TYR B 380 -23.30 -22.42 -19.58
N GLY B 381 -23.88 -23.59 -19.30
CA GLY B 381 -23.93 -24.64 -20.31
C GLY B 381 -22.78 -25.62 -20.40
N LEU B 382 -21.62 -25.25 -19.86
CA LEU B 382 -20.46 -26.13 -19.91
C LEU B 382 -20.69 -27.35 -19.01
N PRO B 383 -20.14 -28.50 -19.38
CA PRO B 383 -20.30 -29.72 -18.57
C PRO B 383 -19.59 -29.59 -17.23
N GLU B 384 -20.14 -30.25 -16.21
CA GLU B 384 -19.55 -30.20 -14.87
C GLU B 384 -18.07 -30.56 -14.87
N PHE B 385 -17.27 -29.71 -14.24
CA PHE B 385 -15.83 -29.90 -14.12
C PHE B 385 -15.09 -30.11 -15.43
N LEU B 386 -15.69 -29.60 -16.51
CA LEU B 386 -15.10 -29.69 -17.84
C LEU B 386 -14.80 -31.12 -18.26
N VAL B 387 -15.62 -32.06 -17.80
CA VAL B 387 -15.45 -33.45 -18.18
C VAL B 387 -15.96 -33.62 -19.61
N SER B 388 -15.11 -34.14 -20.50
CA SER B 388 -15.51 -34.32 -21.90
C SER B 388 -16.21 -35.64 -22.14
N GLY B 389 -15.91 -36.64 -21.32
CA GLY B 389 -16.52 -37.95 -21.47
C GLY B 389 -17.70 -38.12 -20.51
N ASP B 390 -17.71 -39.23 -19.78
CA ASP B 390 -18.78 -39.52 -18.83
C ASP B 390 -18.41 -39.10 -17.40
N PRO B 391 -19.03 -38.03 -16.89
CA PRO B 391 -18.75 -37.55 -15.54
C PRO B 391 -18.96 -38.65 -14.50
N GLY B 392 -18.32 -38.51 -13.35
CA GLY B 392 -18.44 -39.53 -12.31
C GLY B 392 -17.33 -40.50 -12.58
N LEU B 393 -17.43 -41.21 -13.70
CA LEU B 393 -16.38 -42.15 -14.09
C LEU B 393 -15.12 -41.31 -14.22
N HIS B 394 -15.27 -40.12 -14.79
CA HIS B 394 -14.14 -39.17 -14.95
C HIS B 394 -14.45 -37.91 -14.15
N SER B 395 -13.41 -37.32 -13.56
CA SER B 395 -13.60 -36.10 -12.77
C SER B 395 -13.13 -34.87 -13.54
N GLY B 396 -12.37 -35.09 -14.60
CA GLY B 396 -11.88 -33.98 -15.41
C GLY B 396 -10.93 -33.06 -14.66
N PHE B 397 -11.36 -31.82 -14.44
CA PHE B 397 -10.54 -30.83 -13.74
C PHE B 397 -10.87 -30.70 -12.26
N ALA B 398 -11.80 -31.52 -11.79
CA ALA B 398 -12.21 -31.48 -10.39
C ALA B 398 -11.02 -31.44 -9.43
N GLY B 399 -10.05 -32.32 -9.66
CA GLY B 399 -8.88 -32.39 -8.82
C GLY B 399 -7.90 -31.25 -9.01
N ALA B 400 -7.86 -30.68 -10.21
CA ALA B 400 -6.95 -29.60 -10.53
C ALA B 400 -7.35 -28.29 -9.83
N GLN B 401 -8.61 -28.14 -9.46
CA GLN B 401 -9.03 -26.92 -8.78
C GLN B 401 -8.38 -26.78 -7.40
N TYR B 402 -8.19 -27.92 -6.73
CA TYR B 402 -7.64 -27.94 -5.36
C TYR B 402 -6.32 -27.21 -5.13
N PRO B 403 -5.30 -27.43 -6.00
CA PRO B 403 -4.05 -26.70 -5.74
C PRO B 403 -4.25 -25.18 -5.86
N ALA B 404 -5.15 -24.75 -6.74
CA ALA B 404 -5.42 -23.32 -6.90
C ALA B 404 -6.10 -22.77 -5.65
N THR B 405 -7.10 -23.50 -5.16
CA THR B 405 -7.83 -23.10 -3.97
C THR B 405 -6.89 -23.07 -2.74
N ALA B 406 -6.05 -24.10 -2.63
CA ALA B 406 -5.10 -24.19 -1.51
C ALA B 406 -4.11 -23.04 -1.51
N LEU B 407 -3.66 -22.63 -2.69
CA LEU B 407 -2.71 -21.54 -2.82
C LEU B 407 -3.31 -20.20 -2.39
N VAL B 408 -4.62 -20.04 -2.58
CA VAL B 408 -5.28 -18.80 -2.17
C VAL B 408 -5.20 -18.75 -0.64
N ALA B 409 -5.51 -19.88 0.00
CA ALA B 409 -5.44 -19.96 1.45
C ALA B 409 -4.01 -19.70 1.94
N GLU B 410 -3.04 -20.32 1.27
CA GLU B 410 -1.64 -20.15 1.64
C GLU B 410 -1.16 -18.71 1.52
N ASN B 411 -1.54 -18.02 0.46
CA ASN B 411 -1.14 -16.63 0.29
C ASN B 411 -1.73 -15.77 1.40
N ARG B 412 -2.92 -16.14 1.88
CA ARG B 412 -3.58 -15.39 2.95
C ARG B 412 -2.95 -15.59 4.33
N THR B 413 -2.02 -16.54 4.46
CA THR B 413 -1.36 -16.78 5.75
C THR B 413 -0.07 -15.95 5.82
N ILE B 414 0.21 -15.21 4.74
CA ILE B 414 1.41 -14.38 4.66
C ILE B 414 1.10 -12.96 5.14
N GLY B 415 1.63 -12.60 6.30
CA GLY B 415 1.39 -11.27 6.84
C GLY B 415 2.47 -10.24 6.58
N PRO B 416 2.12 -8.95 6.73
CA PRO B 416 3.04 -7.83 6.52
C PRO B 416 4.28 -7.96 7.42
N ALA B 417 5.44 -7.60 6.87
CA ALA B 417 6.69 -7.67 7.62
C ALA B 417 7.21 -6.28 8.00
N SER B 418 6.83 -5.27 7.22
CA SER B 418 7.30 -3.90 7.43
C SER B 418 6.95 -3.30 8.77
N THR B 419 6.01 -3.93 9.47
CA THR B 419 5.55 -3.46 10.77
C THR B 419 6.15 -4.27 11.89
N GLN B 420 6.86 -5.34 11.55
CA GLN B 420 7.42 -6.25 12.56
C GLN B 420 8.82 -5.97 13.09
N SER B 421 9.20 -4.69 13.16
CA SER B 421 10.51 -4.35 13.70
C SER B 421 10.75 -4.91 15.10
N VAL B 422 11.98 -5.36 15.35
CA VAL B 422 12.38 -5.87 16.67
C VAL B 422 13.69 -5.14 16.97
N PRO B 423 13.80 -4.46 18.13
CA PRO B 423 15.05 -3.75 18.45
C PRO B 423 16.26 -4.64 18.65
N SER B 424 17.42 -4.18 18.17
CA SER B 424 18.65 -4.95 18.33
C SER B 424 19.86 -4.02 18.45
N ASN B 425 21.03 -4.61 18.57
CA ASN B 425 22.28 -3.85 18.66
C ASN B 425 22.25 -2.83 19.79
N GLY B 426 22.15 -3.30 21.03
CA GLY B 426 22.12 -2.42 22.18
C GLY B 426 21.10 -1.31 22.05
N ASP B 427 20.03 -1.58 21.32
CA ASP B 427 18.96 -0.64 21.08
C ASP B 427 19.32 0.48 20.11
N ASN B 428 20.49 0.41 19.48
CA ASN B 428 20.85 1.43 18.50
C ASN B 428 19.89 1.29 17.31
N GLN B 429 19.61 0.05 16.93
CA GLN B 429 18.67 -0.21 15.84
C GLN B 429 17.34 -0.49 16.50
N ASP B 430 16.71 0.53 17.07
CA ASP B 430 15.45 0.31 17.74
C ASP B 430 14.22 0.31 16.83
N VAL B 431 14.40 0.71 15.57
CA VAL B 431 13.31 0.71 14.60
C VAL B 431 13.84 0.37 13.19
N VAL B 432 13.58 -0.85 12.73
CA VAL B 432 14.04 -1.28 11.41
C VAL B 432 12.84 -1.53 10.50
N SER B 433 13.08 -1.86 9.23
CA SER B 433 11.99 -2.05 8.28
C SER B 433 11.60 -3.47 7.87
N MET B 434 12.55 -4.42 7.95
CA MET B 434 12.29 -5.81 7.58
C MET B 434 11.89 -5.92 6.10
N GLY B 435 12.32 -4.93 5.31
CA GLY B 435 12.00 -4.87 3.90
C GLY B 435 12.33 -6.06 3.03
N LEU B 436 13.42 -6.77 3.34
CA LEU B 436 13.78 -7.92 2.52
C LEU B 436 12.78 -9.03 2.75
N ILE B 437 12.26 -9.12 3.97
CA ILE B 437 11.25 -10.15 4.27
C ILE B 437 10.00 -9.78 3.44
N SER B 438 9.67 -8.49 3.43
CA SER B 438 8.52 -8.01 2.67
C SER B 438 8.66 -8.37 1.18
N ALA B 439 9.85 -8.18 0.64
CA ALA B 439 10.11 -8.50 -0.76
C ALA B 439 10.01 -10.01 -1.04
N ARG B 440 10.49 -10.84 -0.11
CA ARG B 440 10.43 -12.28 -0.32
C ARG B 440 8.98 -12.77 -0.21
N ASN B 441 8.19 -12.10 0.64
CA ASN B 441 6.78 -12.43 0.81
C ASN B 441 6.07 -12.24 -0.53
N ALA B 442 6.35 -11.11 -1.16
CA ALA B 442 5.76 -10.74 -2.44
C ALA B 442 6.18 -11.71 -3.54
N ARG B 443 7.45 -12.07 -3.55
CA ARG B 443 7.97 -13.02 -4.54
C ARG B 443 7.20 -14.34 -4.39
N ARG B 444 6.98 -14.76 -3.15
CA ARG B 444 6.27 -16.00 -2.88
C ARG B 444 4.84 -15.99 -3.46
N VAL B 445 4.09 -14.92 -3.23
CA VAL B 445 2.72 -14.82 -3.75
C VAL B 445 2.77 -14.81 -5.27
N LEU B 446 3.73 -14.06 -5.82
CA LEU B 446 3.91 -13.98 -7.26
C LEU B 446 4.08 -15.40 -7.80
N SER B 447 5.01 -16.13 -7.19
CA SER B 447 5.27 -17.51 -7.60
C SER B 447 4.03 -18.39 -7.46
N ASN B 448 3.33 -18.25 -6.34
CA ASN B 448 2.12 -19.04 -6.09
C ASN B 448 1.03 -18.73 -7.12
N ASN B 449 0.93 -17.46 -7.51
CA ASN B 449 -0.08 -17.04 -8.48
C ASN B 449 0.09 -17.69 -9.84
N ASN B 450 1.33 -17.93 -10.25
CA ASN B 450 1.56 -18.56 -11.54
C ASN B 450 0.92 -19.95 -11.57
N LYS B 451 0.91 -20.63 -10.42
CA LYS B 451 0.32 -21.97 -10.32
C LYS B 451 -1.19 -21.86 -10.47
N ILE B 452 -1.77 -20.84 -9.83
CA ILE B 452 -3.21 -20.61 -9.88
C ILE B 452 -3.63 -20.28 -11.31
N LEU B 453 -2.88 -19.39 -11.95
CA LEU B 453 -3.17 -19.00 -13.32
C LEU B 453 -2.97 -20.16 -14.28
N ALA B 454 -2.00 -21.02 -13.97
CA ALA B 454 -1.73 -22.18 -14.81
C ALA B 454 -2.98 -23.04 -14.91
N VAL B 455 -3.62 -23.29 -13.78
CA VAL B 455 -4.84 -24.10 -13.76
C VAL B 455 -5.93 -23.37 -14.54
N GLU B 456 -5.99 -22.05 -14.42
CA GLU B 456 -7.02 -21.29 -15.13
C GLU B 456 -6.78 -21.35 -16.65
N TYR B 457 -5.51 -21.22 -17.07
CA TYR B 457 -5.20 -21.30 -18.50
C TYR B 457 -5.57 -22.66 -19.06
N LEU B 458 -5.34 -23.71 -18.28
CA LEU B 458 -5.68 -25.06 -18.73
C LEU B 458 -7.19 -25.24 -18.79
N ALA B 459 -7.90 -24.71 -17.79
CA ALA B 459 -9.37 -24.80 -17.75
C ALA B 459 -10.02 -24.03 -18.89
N ALA B 460 -9.49 -22.83 -19.18
CA ALA B 460 -10.02 -21.99 -20.26
C ALA B 460 -9.92 -22.73 -21.59
N ALA B 461 -8.72 -23.22 -21.89
CA ALA B 461 -8.49 -23.93 -23.14
C ALA B 461 -9.40 -25.15 -23.21
N GLN B 462 -9.54 -25.87 -22.10
CA GLN B 462 -10.40 -27.05 -22.07
C GLN B 462 -11.86 -26.66 -22.35
N ALA B 463 -12.28 -25.52 -21.81
CA ALA B 463 -13.64 -25.03 -22.03
C ALA B 463 -13.85 -24.72 -23.52
N VAL B 464 -12.81 -24.20 -24.16
CA VAL B 464 -12.86 -23.88 -25.58
C VAL B 464 -13.13 -25.19 -26.35
N ASP B 465 -12.35 -26.21 -26.03
CA ASP B 465 -12.49 -27.51 -26.68
C ASP B 465 -13.85 -28.16 -26.51
N ILE B 466 -14.29 -28.30 -25.27
CA ILE B 466 -15.58 -28.92 -24.97
C ILE B 466 -16.77 -28.20 -25.60
N SER B 467 -16.68 -26.87 -25.69
CA SER B 467 -17.78 -26.08 -26.26
C SER B 467 -17.69 -25.95 -27.77
N GLY B 468 -16.56 -26.39 -28.34
CA GLY B 468 -16.36 -26.27 -29.77
C GLY B 468 -16.45 -24.84 -30.23
N ARG B 469 -15.96 -23.91 -29.41
CA ARG B 469 -16.02 -22.49 -29.74
C ARG B 469 -14.73 -21.88 -30.27
N PHE B 470 -13.77 -22.71 -30.66
CA PHE B 470 -12.50 -22.19 -31.19
C PHE B 470 -12.65 -21.20 -32.33
N ASP B 471 -13.43 -21.57 -33.34
CA ASP B 471 -13.63 -20.71 -34.51
C ASP B 471 -14.21 -19.35 -34.16
N GLY B 472 -14.92 -19.25 -33.03
CA GLY B 472 -15.52 -17.98 -32.64
C GLY B 472 -14.62 -17.09 -31.81
N LEU B 473 -13.43 -17.57 -31.48
CA LEU B 473 -12.48 -16.80 -30.67
C LEU B 473 -11.85 -15.64 -31.42
N SER B 474 -11.51 -14.60 -30.67
CA SER B 474 -10.86 -13.43 -31.25
C SER B 474 -9.43 -13.85 -31.59
N PRO B 475 -8.69 -13.00 -32.33
CA PRO B 475 -7.31 -13.33 -32.70
C PRO B 475 -6.45 -13.57 -31.45
N ALA B 476 -6.59 -12.69 -30.46
CA ALA B 476 -5.83 -12.82 -29.21
C ALA B 476 -6.19 -14.13 -28.51
N ALA B 477 -7.48 -14.45 -28.47
CA ALA B 477 -7.93 -15.67 -27.82
C ALA B 477 -7.41 -16.91 -28.54
N LYS B 478 -7.40 -16.89 -29.87
CA LYS B 478 -6.89 -18.05 -30.61
C LYS B 478 -5.42 -18.21 -30.30
N ALA B 479 -4.71 -17.11 -30.15
CA ALA B 479 -3.28 -17.13 -29.84
C ALA B 479 -3.02 -17.71 -28.44
N THR B 480 -3.82 -17.27 -27.47
CA THR B 480 -3.68 -17.75 -26.10
C THR B 480 -3.97 -19.25 -26.07
N TYR B 481 -5.07 -19.63 -26.72
CA TYR B 481 -5.48 -21.02 -26.78
C TYR B 481 -4.36 -21.89 -27.35
N GLU B 482 -3.83 -21.50 -28.50
CA GLU B 482 -2.76 -22.27 -29.15
C GLU B 482 -1.50 -22.36 -28.31
N ALA B 483 -1.17 -21.28 -27.61
CA ALA B 483 0.01 -21.27 -26.75
C ALA B 483 -0.14 -22.37 -25.71
N VAL B 484 -1.33 -22.48 -25.12
CA VAL B 484 -1.61 -23.51 -24.12
C VAL B 484 -1.52 -24.91 -24.75
N ARG B 485 -2.24 -25.10 -25.84
CA ARG B 485 -2.28 -26.38 -26.55
C ARG B 485 -0.93 -26.85 -27.09
N ARG B 486 0.01 -25.92 -27.21
CA ARG B 486 1.35 -26.22 -27.69
C ARG B 486 2.16 -26.89 -26.56
N LEU B 487 1.69 -26.69 -25.32
CA LEU B 487 2.33 -27.25 -24.14
C LEU B 487 1.58 -28.45 -23.58
N VAL B 488 0.25 -28.34 -23.53
CA VAL B 488 -0.60 -29.38 -22.98
C VAL B 488 -1.80 -29.71 -23.89
N PRO B 489 -2.07 -31.01 -24.11
CA PRO B 489 -3.17 -31.49 -24.94
C PRO B 489 -4.52 -31.35 -24.25
N THR B 490 -5.58 -31.45 -25.04
CA THR B 490 -6.95 -31.36 -24.52
C THR B 490 -7.11 -32.51 -23.54
N LEU B 491 -7.96 -32.33 -22.52
CA LEU B 491 -8.17 -33.41 -21.56
C LEU B 491 -9.30 -34.33 -22.02
N GLY B 492 -8.92 -35.51 -22.50
CA GLY B 492 -9.90 -36.49 -22.94
C GLY B 492 -10.22 -37.31 -21.71
N VAL B 493 -9.56 -38.45 -21.54
CA VAL B 493 -9.78 -39.27 -20.37
C VAL B 493 -9.01 -38.61 -19.23
N ASP B 494 -9.33 -38.94 -18.00
CA ASP B 494 -8.61 -38.37 -16.86
C ASP B 494 -7.18 -38.80 -16.93
N ARG B 495 -6.28 -37.97 -16.41
CA ARG B 495 -4.87 -38.29 -16.42
C ARG B 495 -4.10 -37.46 -15.38
N TYR B 496 -2.90 -37.92 -15.05
CA TYR B 496 -2.01 -37.24 -14.13
C TYR B 496 -1.96 -35.75 -14.54
N MET B 497 -2.34 -34.86 -13.63
CA MET B 497 -2.39 -33.42 -13.94
C MET B 497 -1.19 -32.56 -13.54
N ALA B 498 -0.44 -32.98 -12.52
CA ALA B 498 0.69 -32.22 -12.01
C ALA B 498 1.75 -31.75 -13.00
N ASP B 499 2.10 -32.57 -13.98
CA ASP B 499 3.12 -32.15 -14.96
C ASP B 499 2.54 -31.06 -15.87
N ASP B 500 1.29 -31.21 -16.25
CA ASP B 500 0.61 -30.26 -17.11
C ASP B 500 0.54 -28.89 -16.46
N ILE B 501 0.21 -28.87 -15.17
CA ILE B 501 0.10 -27.61 -14.46
C ILE B 501 1.46 -26.95 -14.31
N GLU B 502 2.46 -27.74 -13.94
CA GLU B 502 3.81 -27.22 -13.74
C GLU B 502 4.42 -26.70 -15.05
N LEU B 503 4.03 -27.32 -16.17
CA LEU B 503 4.55 -26.90 -17.46
C LEU B 503 4.01 -25.50 -17.79
N VAL B 504 2.70 -25.32 -17.64
CA VAL B 504 2.08 -24.02 -17.92
C VAL B 504 2.49 -22.98 -16.88
N ALA B 505 2.72 -23.42 -15.65
CA ALA B 505 3.13 -22.50 -14.60
C ALA B 505 4.51 -21.96 -14.93
N ASP B 506 5.36 -22.81 -15.49
CA ASP B 506 6.70 -22.37 -15.88
C ASP B 506 6.62 -21.42 -17.06
N ALA B 507 5.77 -21.73 -18.04
CA ALA B 507 5.59 -20.87 -19.21
C ALA B 507 5.19 -19.48 -18.74
N LEU B 508 4.26 -19.43 -17.79
CA LEU B 508 3.79 -18.17 -17.25
C LEU B 508 4.92 -17.39 -16.56
N SER B 509 5.76 -18.09 -15.81
CA SER B 509 6.86 -17.43 -15.09
C SER B 509 7.85 -16.73 -16.05
N ARG B 510 7.94 -17.18 -17.30
CA ARG B 510 8.84 -16.53 -18.25
C ARG B 510 8.08 -15.64 -19.24
N GLY B 511 6.80 -15.39 -18.96
CA GLY B 511 5.99 -14.55 -19.81
C GLY B 511 5.69 -15.05 -21.21
N GLU B 512 5.57 -16.37 -21.38
CA GLU B 512 5.30 -16.91 -22.70
C GLU B 512 3.95 -16.46 -23.28
N PHE B 513 2.96 -16.26 -22.42
CA PHE B 513 1.66 -15.85 -22.91
C PHE B 513 1.63 -14.39 -23.34
N LEU B 514 2.41 -13.56 -22.66
CA LEU B 514 2.51 -12.14 -23.02
C LEU B 514 3.24 -12.07 -24.37
N ARG B 515 4.13 -13.01 -24.59
CA ARG B 515 4.90 -13.08 -25.82
C ARG B 515 4.06 -13.58 -26.99
N ALA B 516 3.15 -14.51 -26.72
CA ALA B 516 2.28 -15.04 -27.77
C ALA B 516 1.41 -13.93 -28.33
N ILE B 517 0.93 -13.07 -27.45
CA ILE B 517 0.09 -11.95 -27.87
C ILE B 517 0.93 -11.02 -28.75
N ALA B 518 2.12 -10.66 -28.29
CA ALA B 518 2.99 -9.77 -29.05
C ALA B 518 3.38 -10.36 -30.40
N ARG B 519 3.66 -11.65 -30.43
CA ARG B 519 4.07 -12.34 -31.64
C ARG B 519 2.94 -12.69 -32.61
N GLU B 520 1.75 -12.94 -32.09
CA GLU B 520 0.61 -13.33 -32.92
C GLU B 520 -0.42 -12.25 -33.22
N THR B 521 -0.36 -11.12 -32.51
CA THR B 521 -1.35 -10.07 -32.73
C THR B 521 -0.73 -8.68 -32.88
N ASP B 522 -1.59 -7.69 -33.13
CA ASP B 522 -1.12 -6.30 -33.28
C ASP B 522 -1.43 -5.58 -31.97
N ILE B 523 -1.83 -6.33 -30.95
CA ILE B 523 -2.18 -5.76 -29.65
C ILE B 523 -0.98 -5.37 -28.79
N GLN B 524 -0.98 -4.12 -28.33
CA GLN B 524 0.08 -3.66 -27.43
C GLN B 524 -0.60 -3.47 -26.08
N LEU B 525 -0.24 -4.31 -25.12
CA LEU B 525 -0.85 -4.25 -23.79
C LEU B 525 -0.21 -3.27 -22.83
N ARG B 526 -1.03 -2.62 -22.02
CA ARG B 526 -0.53 -1.68 -21.03
C ARG B 526 0.00 -2.50 -19.88
#